data_5HCV
#
_entry.id   5HCV
#
_cell.length_a   121.501
_cell.length_b   121.501
_cell.length_c   44.406
_cell.angle_alpha   90.00
_cell.angle_beta   90.00
_cell.angle_gamma   120.00
#
_symmetry.space_group_name_H-M   'P 31'
#
loop_
_entity.id
_entity.type
_entity.pdbx_description
1 polymer 'Mineralocorticoid receptor'
2 non-polymer 6-[(~{E})-(3-fluoranyl-6~{H}-benzo[c][1]benzoxepin-11-ylidene)methyl]-4~{H}-1,4-benzoxazin-3-one
3 non-polymer 'CHLORIDE ION'
4 water water
#
_entity_poly.entity_id   1
_entity_poly.type   'polypeptide(L)'
_entity_poly.pdbx_seq_one_letter_code
;GSHMRALTPSPVMVLENIEPEIVYAGYDSSKPDTAENLLSTLNRLAGKQMIQVVKWAKVLPGFKNLPLEDQITLIQYSWM
SLSSFALSWRSYKHTNSQFLYFAPDLVFNEEKMHQSAMYELCQGMHQISLQFVRLQLTFEEYTIMKVLLLLSTIPKDGLK
SQAAFEEMRTNYIKELRKMVTKCPNNSGQSWQRFYQLTKLLDSMHDLVSDLLEFCFYTFRESHALKVEFPAMLVEIISDQ
LPKVESGNAKPLYFHRK
;
_entity_poly.pdbx_strand_id   A,B,C
#
# COMPACT_ATOMS: atom_id res chain seq x y z
N PRO A 11 13.21 -33.56 -6.86
CA PRO A 11 12.17 -32.54 -6.92
C PRO A 11 12.23 -31.83 -8.25
N VAL A 12 13.32 -31.12 -8.44
CA VAL A 12 13.59 -30.32 -9.63
C VAL A 12 13.75 -31.06 -10.98
N MET A 13 14.35 -32.22 -10.99
CA MET A 13 14.52 -32.95 -12.23
C MET A 13 13.16 -33.36 -12.81
N VAL A 14 12.23 -33.69 -11.93
CA VAL A 14 10.87 -34.08 -12.30
C VAL A 14 10.13 -32.96 -12.97
N LEU A 15 10.29 -31.76 -12.43
CA LEU A 15 9.64 -30.61 -13.00
C LEU A 15 10.12 -30.34 -14.42
N GLU A 16 11.41 -30.54 -14.66
CA GLU A 16 12.01 -30.35 -15.99
C GLU A 16 11.43 -31.30 -17.03
N ASN A 17 11.18 -32.55 -16.66
CA ASN A 17 10.58 -33.50 -17.56
C ASN A 17 9.13 -33.20 -17.88
N ILE A 18 8.39 -32.75 -16.89
CA ILE A 18 6.95 -32.54 -17.04
C ILE A 18 6.44 -31.30 -17.76
N GLU A 19 7.34 -30.48 -18.27
CA GLU A 19 6.93 -29.28 -19.00
C GLU A 19 5.99 -29.54 -20.21
N PRO A 20 5.07 -28.62 -20.47
CA PRO A 20 4.05 -28.76 -21.53
C PRO A 20 4.44 -28.76 -23.01
N GLU A 21 3.54 -29.33 -23.81
CA GLU A 21 3.62 -29.44 -25.27
C GLU A 21 3.16 -28.19 -26.04
N ILE A 22 3.61 -28.05 -27.27
CA ILE A 22 3.25 -26.93 -28.14
C ILE A 22 1.76 -26.88 -28.48
N VAL A 23 1.16 -25.71 -28.32
CA VAL A 23 -0.25 -25.53 -28.58
C VAL A 23 -0.51 -24.43 -29.59
N TYR A 24 -1.27 -24.75 -30.62
CA TYR A 24 -1.61 -23.78 -31.63
C TYR A 24 -2.92 -23.08 -31.33
N ALA A 25 -2.95 -21.79 -31.59
CA ALA A 25 -4.13 -21.02 -31.39
C ALA A 25 -5.15 -21.33 -32.47
N GLY A 26 -4.69 -21.77 -33.62
CA GLY A 26 -5.57 -22.04 -34.72
C GLY A 26 -5.96 -20.75 -35.41
N TYR A 27 -4.96 -20.02 -35.88
CA TYR A 27 -5.13 -18.76 -36.57
C TYR A 27 -5.41 -18.95 -38.05
N PRO A 32 -9.86 -11.01 -40.31
CA PRO A 32 -9.62 -9.63 -39.95
C PRO A 32 -9.17 -9.51 -38.53
N ASP A 33 -8.18 -8.67 -38.26
CA ASP A 33 -7.69 -8.51 -36.91
C ASP A 33 -8.50 -7.51 -36.08
N THR A 34 -9.78 -7.82 -35.92
CA THR A 34 -10.72 -7.06 -35.11
C THR A 34 -10.48 -7.40 -33.65
N ALA A 35 -11.01 -6.57 -32.75
CA ALA A 35 -10.84 -6.86 -31.35
C ALA A 35 -11.53 -8.14 -30.96
N GLU A 36 -12.72 -8.35 -31.51
CA GLU A 36 -13.54 -9.50 -31.23
C GLU A 36 -12.87 -10.79 -31.66
N ASN A 37 -12.26 -10.77 -32.82
CA ASN A 37 -11.57 -11.91 -33.32
C ASN A 37 -10.33 -12.29 -32.49
N LEU A 38 -9.51 -11.32 -32.14
CA LEU A 38 -8.32 -11.58 -31.35
C LEU A 38 -8.61 -12.09 -29.94
N LEU A 39 -9.59 -11.47 -29.29
CA LEU A 39 -10.02 -11.83 -27.98
C LEU A 39 -10.62 -13.25 -28.01
N SER A 40 -11.39 -13.53 -29.04
CA SER A 40 -11.97 -14.85 -29.20
C SER A 40 -10.88 -15.88 -29.43
N THR A 41 -9.87 -15.52 -30.20
CA THR A 41 -8.72 -16.39 -30.46
C THR A 41 -7.90 -16.61 -29.18
N LEU A 42 -7.76 -15.56 -28.38
CA LEU A 42 -7.08 -15.63 -27.11
C LEU A 42 -7.84 -16.53 -26.14
N ASN A 43 -9.16 -16.43 -26.14
CA ASN A 43 -9.99 -17.24 -25.29
C ASN A 43 -9.86 -18.72 -25.68
N ARG A 44 -9.87 -18.97 -26.98
CA ARG A 44 -9.72 -20.27 -27.54
C ARG A 44 -8.34 -20.87 -27.22
N LEU A 45 -7.29 -20.06 -27.27
CA LEU A 45 -5.92 -20.50 -26.95
C LEU A 45 -5.78 -20.89 -25.50
N ALA A 46 -6.39 -20.11 -24.63
CA ALA A 46 -6.40 -20.30 -23.21
C ALA A 46 -7.03 -21.63 -22.79
N GLY A 47 -8.10 -22.05 -23.44
CA GLY A 47 -8.74 -23.30 -23.16
C GLY A 47 -7.90 -24.52 -23.45
N LYS A 48 -7.23 -24.52 -24.59
CA LYS A 48 -6.33 -25.60 -24.98
C LYS A 48 -5.16 -25.69 -24.02
N GLN A 49 -4.68 -24.53 -23.62
CA GLN A 49 -3.59 -24.38 -22.69
C GLN A 49 -3.97 -24.90 -21.31
N MET A 50 -5.24 -24.75 -20.99
CA MET A 50 -5.80 -25.17 -19.74
C MET A 50 -5.65 -26.67 -19.55
N ILE A 51 -5.76 -27.41 -20.64
CA ILE A 51 -5.57 -28.84 -20.68
C ILE A 51 -4.13 -29.18 -20.31
N GLN A 52 -3.19 -28.48 -20.92
CA GLN A 52 -1.80 -28.67 -20.67
C GLN A 52 -1.53 -28.38 -19.22
N VAL A 53 -2.19 -27.37 -18.67
CA VAL A 53 -2.02 -27.01 -17.28
C VAL A 53 -2.49 -28.13 -16.34
N VAL A 54 -3.65 -28.71 -16.61
CA VAL A 54 -4.21 -29.82 -15.86
C VAL A 54 -3.32 -31.07 -15.94
N LYS A 55 -2.82 -31.35 -17.12
CA LYS A 55 -1.92 -32.45 -17.38
C LYS A 55 -0.59 -32.27 -16.64
N TRP A 56 -0.07 -31.05 -16.61
CA TRP A 56 1.13 -30.69 -15.88
C TRP A 56 0.95 -30.76 -14.34
N ALA A 57 -0.13 -30.18 -13.85
CA ALA A 57 -0.44 -30.13 -12.43
C ALA A 57 -0.66 -31.49 -11.81
N LYS A 58 -1.26 -32.36 -12.61
CA LYS A 58 -1.60 -33.68 -12.21
C LYS A 58 -0.41 -34.48 -11.73
N VAL A 59 0.71 -34.34 -12.40
CA VAL A 59 1.89 -35.07 -12.04
C VAL A 59 2.85 -34.35 -11.09
N LEU A 60 2.47 -33.18 -10.62
CA LEU A 60 3.31 -32.40 -9.74
C LEU A 60 3.49 -33.05 -8.42
N PRO A 61 4.74 -33.17 -7.95
CA PRO A 61 5.00 -33.78 -6.66
C PRO A 61 4.38 -33.01 -5.50
N GLY A 62 3.72 -33.72 -4.60
CA GLY A 62 3.01 -33.17 -3.46
C GLY A 62 1.59 -32.76 -3.80
N PHE A 63 1.43 -32.02 -4.88
CA PHE A 63 0.17 -31.54 -5.33
C PHE A 63 -0.80 -32.69 -5.64
N LYS A 64 -0.26 -33.76 -6.21
CA LYS A 64 -1.04 -34.94 -6.56
C LYS A 64 -1.63 -35.73 -5.39
N ASN A 65 -1.07 -35.59 -4.21
CA ASN A 65 -1.60 -36.27 -3.05
C ASN A 65 -2.69 -35.48 -2.40
N LEU A 66 -2.87 -34.26 -2.84
CA LEU A 66 -3.87 -33.42 -2.30
C LEU A 66 -5.21 -33.88 -2.75
N PRO A 67 -6.24 -33.55 -1.99
CA PRO A 67 -7.58 -33.91 -2.36
C PRO A 67 -7.84 -33.33 -3.73
N LEU A 68 -8.57 -34.07 -4.52
CA LEU A 68 -8.88 -33.73 -5.88
C LEU A 68 -9.63 -32.41 -6.00
N GLU A 69 -10.58 -32.19 -5.13
CA GLU A 69 -11.35 -30.97 -5.15
C GLU A 69 -10.38 -29.82 -4.95
N ASP A 70 -9.41 -30.02 -4.08
CA ASP A 70 -8.37 -29.05 -3.78
C ASP A 70 -7.49 -28.70 -4.98
N GLN A 71 -7.11 -29.70 -5.77
CA GLN A 71 -6.27 -29.54 -6.93
C GLN A 71 -6.94 -28.68 -7.99
N ILE A 72 -8.21 -28.97 -8.21
CA ILE A 72 -9.08 -28.27 -9.11
C ILE A 72 -9.31 -26.82 -8.70
N THR A 73 -9.51 -26.60 -7.41
CA THR A 73 -9.72 -25.28 -6.87
C THR A 73 -8.50 -24.41 -7.11
N LEU A 74 -7.33 -24.99 -6.86
CA LEU A 74 -6.08 -24.29 -7.04
C LEU A 74 -5.88 -23.95 -8.50
N ILE A 75 -6.20 -24.88 -9.37
CA ILE A 75 -6.07 -24.67 -10.77
C ILE A 75 -6.99 -23.60 -11.35
N GLN A 76 -8.24 -23.60 -10.92
CA GLN A 76 -9.16 -22.60 -11.36
C GLN A 76 -8.75 -21.19 -10.90
N TYR A 77 -8.33 -21.08 -9.66
CA TYR A 77 -7.92 -19.81 -9.11
C TYR A 77 -6.70 -19.19 -9.80
N SER A 78 -5.75 -20.03 -10.09
CA SER A 78 -4.51 -19.64 -10.68
C SER A 78 -4.38 -19.73 -12.20
N TRP A 79 -5.46 -19.95 -12.92
CA TRP A 79 -5.37 -20.12 -14.35
C TRP A 79 -4.81 -18.99 -15.17
N MET A 80 -5.21 -17.77 -14.88
CA MET A 80 -4.72 -16.62 -15.60
C MET A 80 -3.23 -16.38 -15.34
N SER A 81 -2.87 -16.52 -14.09
CA SER A 81 -1.53 -16.36 -13.63
C SER A 81 -0.58 -17.41 -14.26
N LEU A 82 -1.04 -18.65 -14.33
CA LEU A 82 -0.31 -19.74 -14.95
C LEU A 82 -0.13 -19.51 -16.47
N SER A 83 -1.19 -19.09 -17.14
CA SER A 83 -1.16 -18.83 -18.56
C SER A 83 -0.21 -17.72 -18.94
N SER A 84 -0.17 -16.70 -18.10
CA SER A 84 0.72 -15.53 -18.19
C SER A 84 2.18 -15.81 -17.96
N PHE A 85 2.47 -16.49 -16.88
CA PHE A 85 3.84 -16.83 -16.57
C PHE A 85 4.45 -17.68 -17.70
N ALA A 86 3.66 -18.59 -18.23
CA ALA A 86 4.05 -19.43 -19.33
C ALA A 86 4.23 -18.61 -20.59
N LEU A 87 3.40 -17.57 -20.75
CA LEU A 87 3.50 -16.68 -21.89
C LEU A 87 4.83 -15.88 -21.89
N SER A 88 5.26 -15.38 -20.74
CA SER A 88 6.52 -14.64 -20.63
C SER A 88 7.72 -15.49 -20.96
N TRP A 89 7.65 -16.72 -20.48
CA TRP A 89 8.66 -17.70 -20.69
C TRP A 89 8.79 -18.08 -22.18
N ARG A 90 7.70 -18.25 -22.90
CA ARG A 90 7.74 -18.52 -24.32
C ARG A 90 8.26 -17.28 -25.02
N SER A 91 7.79 -16.14 -24.56
CA SER A 91 8.17 -14.85 -25.08
C SER A 91 9.66 -14.62 -24.90
N TYR A 92 10.17 -15.04 -23.75
CA TYR A 92 11.57 -14.92 -23.45
C TYR A 92 12.49 -15.78 -24.29
N LYS A 93 12.19 -17.07 -24.36
CA LYS A 93 12.97 -18.01 -25.12
C LYS A 93 12.93 -17.86 -26.63
N HIS A 94 11.73 -17.75 -27.17
CA HIS A 94 11.54 -17.56 -28.60
C HIS A 94 11.95 -16.27 -29.22
N THR A 95 11.68 -15.18 -28.53
CA THR A 95 11.94 -13.87 -29.07
C THR A 95 12.81 -12.92 -28.28
N ASN A 96 13.46 -13.40 -27.23
CA ASN A 96 14.25 -12.57 -26.33
C ASN A 96 13.39 -11.44 -25.72
N SER A 97 12.14 -11.80 -25.50
CA SER A 97 11.12 -10.94 -24.93
C SER A 97 10.76 -9.71 -25.74
N GLN A 98 10.98 -9.78 -27.02
CA GLN A 98 10.62 -8.72 -27.92
C GLN A 98 9.14 -8.59 -28.19
N PHE A 99 8.51 -9.74 -28.33
CA PHE A 99 7.13 -9.92 -28.65
C PHE A 99 6.45 -10.83 -27.67
N LEU A 100 5.13 -10.84 -27.74
CA LEU A 100 4.35 -11.71 -26.91
C LEU A 100 4.05 -12.97 -27.71
N TYR A 101 4.75 -14.02 -27.37
CA TYR A 101 4.65 -15.29 -28.00
C TYR A 101 3.58 -16.21 -27.39
N PHE A 102 2.35 -15.96 -27.75
CA PHE A 102 1.21 -16.73 -27.31
C PHE A 102 1.25 -18.14 -27.89
N ALA A 103 1.50 -18.21 -29.18
CA ALA A 103 1.57 -19.45 -29.89
C ALA A 103 2.44 -19.31 -31.12
N PRO A 104 2.87 -20.40 -31.70
CA PRO A 104 3.68 -20.32 -32.91
C PRO A 104 2.93 -19.57 -34.00
N ASP A 105 1.60 -19.62 -33.96
CA ASP A 105 0.72 -18.97 -34.91
C ASP A 105 0.04 -17.70 -34.41
N LEU A 106 0.42 -17.22 -33.24
CA LEU A 106 -0.19 -16.02 -32.67
C LEU A 106 0.85 -15.20 -31.91
N VAL A 107 1.64 -14.41 -32.62
CA VAL A 107 2.65 -13.62 -31.97
C VAL A 107 2.35 -12.15 -32.08
N PHE A 108 2.27 -11.48 -30.96
CA PHE A 108 1.95 -10.08 -30.95
C PHE A 108 3.10 -9.11 -31.05
N ASN A 109 2.81 -8.00 -31.69
CA ASN A 109 3.73 -6.90 -31.79
C ASN A 109 2.88 -5.75 -31.30
N GLU A 110 3.42 -4.56 -31.30
CA GLU A 110 2.66 -3.41 -30.84
C GLU A 110 1.36 -3.17 -31.62
N GLU A 111 1.34 -3.51 -32.90
CA GLU A 111 0.10 -3.39 -33.67
C GLU A 111 -0.98 -4.34 -33.17
N LYS A 112 -0.60 -5.58 -32.92
CA LYS A 112 -1.50 -6.61 -32.41
C LYS A 112 -2.04 -6.28 -31.01
N MET A 113 -1.19 -5.75 -30.15
CA MET A 113 -1.61 -5.39 -28.84
C MET A 113 -2.72 -4.34 -28.95
N HIS A 114 -2.55 -3.41 -29.88
CA HIS A 114 -3.53 -2.39 -30.14
C HIS A 114 -4.84 -2.91 -30.73
N GLN A 115 -4.77 -3.75 -31.73
CA GLN A 115 -5.97 -4.32 -32.33
C GLN A 115 -6.72 -5.18 -31.33
N SER A 116 -5.95 -5.76 -30.41
CA SER A 116 -6.46 -6.60 -29.33
C SER A 116 -7.35 -5.82 -28.35
N ALA A 117 -7.11 -4.54 -28.21
CA ALA A 117 -7.88 -3.70 -27.31
C ALA A 117 -7.45 -3.89 -25.89
N MET A 118 -6.29 -4.48 -25.73
CA MET A 118 -5.72 -4.80 -24.45
C MET A 118 -4.29 -4.30 -24.48
N TYR A 119 -4.05 -3.17 -25.10
CA TYR A 119 -2.68 -2.70 -25.28
C TYR A 119 -1.86 -2.48 -24.04
N GLU A 120 -2.40 -1.82 -23.05
CA GLU A 120 -1.71 -1.57 -21.80
C GLU A 120 -1.42 -2.83 -20.95
N LEU A 121 -2.37 -3.75 -20.88
CA LEU A 121 -2.27 -5.01 -20.16
C LEU A 121 -1.18 -5.87 -20.78
N CYS A 122 -1.12 -5.84 -22.10
CA CYS A 122 -0.15 -6.53 -22.92
C CYS A 122 1.27 -5.95 -22.66
N GLN A 123 1.35 -4.63 -22.46
CA GLN A 123 2.60 -3.94 -22.18
C GLN A 123 3.17 -4.33 -20.85
N GLY A 124 2.28 -4.43 -19.87
CA GLY A 124 2.66 -4.81 -18.54
C GLY A 124 3.21 -6.21 -18.57
N MET A 125 2.55 -7.07 -19.35
CA MET A 125 2.95 -8.45 -19.52
C MET A 125 4.31 -8.55 -20.19
N HIS A 126 4.53 -7.71 -21.18
CA HIS A 126 5.78 -7.66 -21.91
C HIS A 126 6.95 -7.22 -21.00
N GLN A 127 6.64 -6.31 -20.09
CA GLN A 127 7.53 -5.76 -19.09
C GLN A 127 8.01 -6.82 -18.11
N ILE A 128 7.11 -7.70 -17.70
CA ILE A 128 7.37 -8.82 -16.84
C ILE A 128 8.32 -9.74 -17.60
N SER A 129 8.05 -9.84 -18.87
CA SER A 129 8.83 -10.63 -19.81
C SER A 129 10.27 -10.13 -19.92
N LEU A 130 10.43 -8.81 -19.96
CA LEU A 130 11.70 -8.13 -20.05
C LEU A 130 12.54 -8.38 -18.82
N GLN A 131 11.85 -8.59 -17.72
CA GLN A 131 12.45 -8.91 -16.45
C GLN A 131 13.19 -10.21 -16.51
N PHE A 132 12.66 -11.15 -17.27
CA PHE A 132 13.25 -12.47 -17.45
C PHE A 132 14.63 -12.34 -18.06
N VAL A 133 14.75 -11.47 -19.05
CA VAL A 133 16.01 -11.18 -19.71
C VAL A 133 17.02 -10.49 -18.77
N ARG A 134 16.56 -9.49 -18.03
CA ARG A 134 17.40 -8.78 -17.12
C ARG A 134 17.95 -9.73 -16.05
N LEU A 135 17.08 -10.60 -15.55
CA LEU A 135 17.42 -11.65 -14.60
C LEU A 135 18.18 -12.80 -15.16
N GLN A 136 17.95 -13.09 -16.44
CA GLN A 136 18.50 -14.25 -17.10
C GLN A 136 17.96 -15.47 -16.37
N LEU A 137 16.64 -15.53 -16.29
CA LEU A 137 15.97 -16.59 -15.59
C LEU A 137 16.24 -18.00 -16.11
N THR A 138 16.72 -18.84 -15.20
CA THR A 138 17.01 -20.21 -15.53
C THR A 138 15.74 -21.04 -15.63
N PHE A 139 15.83 -22.12 -16.37
CA PHE A 139 14.70 -23.00 -16.51
C PHE A 139 14.34 -23.56 -15.13
N GLU A 140 15.35 -23.82 -14.30
CA GLU A 140 15.18 -24.33 -12.93
C GLU A 140 14.40 -23.36 -12.05
N GLU A 141 14.69 -22.07 -12.16
CA GLU A 141 13.97 -21.05 -11.43
C GLU A 141 12.55 -20.92 -11.91
N TYR A 142 12.39 -20.95 -13.22
CA TYR A 142 11.10 -20.82 -13.86
C TYR A 142 10.14 -21.95 -13.50
N THR A 143 10.61 -23.18 -13.45
CA THR A 143 9.76 -24.30 -13.09
C THR A 143 9.21 -24.23 -11.68
N ILE A 144 10.03 -23.79 -10.76
CA ILE A 144 9.61 -23.64 -9.39
C ILE A 144 8.58 -22.53 -9.15
N MET A 145 8.80 -21.40 -9.77
CA MET A 145 7.96 -20.23 -9.68
C MET A 145 6.57 -20.51 -10.21
N LYS A 146 6.49 -21.33 -11.24
CA LYS A 146 5.25 -21.72 -11.87
C LYS A 146 4.35 -22.52 -10.90
N VAL A 147 4.96 -23.45 -10.17
CA VAL A 147 4.33 -24.23 -9.18
C VAL A 147 3.83 -23.33 -8.04
N LEU A 148 4.67 -22.38 -7.68
CA LEU A 148 4.38 -21.39 -6.65
C LEU A 148 3.17 -20.52 -7.04
N LEU A 149 3.04 -20.18 -8.31
CA LEU A 149 1.91 -19.44 -8.82
C LEU A 149 0.63 -20.30 -8.73
N LEU A 150 0.78 -21.58 -9.02
CA LEU A 150 -0.30 -22.49 -8.91
C LEU A 150 -0.73 -22.61 -7.43
N LEU A 151 0.17 -22.30 -6.52
CA LEU A 151 -0.08 -22.36 -5.10
C LEU A 151 -0.28 -21.00 -4.44
N SER A 152 -0.43 -19.97 -5.24
CA SER A 152 -0.61 -18.62 -4.72
C SER A 152 -2.01 -18.08 -4.30
N THR A 153 -3.08 -18.58 -4.88
CA THR A 153 -4.40 -18.10 -4.52
C THR A 153 -5.35 -19.15 -3.94
N ILE A 154 -5.75 -18.94 -2.70
CA ILE A 154 -6.66 -19.88 -2.06
C ILE A 154 -7.99 -19.26 -1.67
N PRO A 155 -8.98 -20.08 -1.34
CA PRO A 155 -10.28 -19.54 -0.96
C PRO A 155 -10.25 -18.95 0.43
N LYS A 156 -11.22 -18.14 0.77
CA LYS A 156 -11.23 -17.53 2.09
C LYS A 156 -11.25 -18.50 3.27
N ASP A 157 -12.09 -19.53 3.21
CA ASP A 157 -12.15 -20.46 4.33
C ASP A 157 -11.11 -21.54 4.19
N GLY A 158 -10.36 -21.46 3.10
CA GLY A 158 -9.30 -22.40 2.83
C GLY A 158 -9.68 -23.63 2.06
N LEU A 159 -8.76 -24.56 2.05
CA LEU A 159 -8.94 -25.81 1.36
C LEU A 159 -9.34 -26.90 2.32
N LYS A 160 -9.71 -28.06 1.78
CA LYS A 160 -10.07 -29.21 2.59
C LYS A 160 -8.88 -29.67 3.43
N SER A 161 -7.68 -29.62 2.86
CA SER A 161 -6.49 -29.98 3.61
C SER A 161 -5.53 -28.83 3.54
N GLN A 162 -5.85 -27.82 4.32
CA GLN A 162 -5.09 -26.62 4.38
C GLN A 162 -3.66 -26.85 4.83
N ALA A 163 -3.48 -27.68 5.85
CA ALA A 163 -2.18 -27.98 6.39
C ALA A 163 -1.27 -28.67 5.40
N ALA A 164 -1.84 -29.61 4.67
CA ALA A 164 -1.09 -30.36 3.69
C ALA A 164 -0.57 -29.43 2.59
N PHE A 165 -1.43 -28.54 2.15
CA PHE A 165 -1.14 -27.55 1.14
C PHE A 165 -0.03 -26.62 1.64
N GLU A 166 -0.11 -26.27 2.91
CA GLU A 166 0.82 -25.40 3.56
C GLU A 166 2.24 -25.96 3.63
N GLU A 167 2.40 -27.22 3.99
CA GLU A 167 3.70 -27.85 4.08
C GLU A 167 4.36 -27.87 2.70
N MET A 168 3.63 -28.31 1.70
CA MET A 168 4.12 -28.37 0.32
C MET A 168 4.41 -26.99 -0.31
N ARG A 169 3.63 -25.98 0.02
CA ARG A 169 3.90 -24.67 -0.51
C ARG A 169 5.25 -24.17 0.04
N THR A 170 5.46 -24.40 1.35
CA THR A 170 6.66 -24.09 2.11
C THR A 170 7.86 -24.87 1.58
N ASN A 171 7.67 -26.14 1.28
CA ASN A 171 8.75 -26.96 0.78
C ASN A 171 9.23 -26.44 -0.57
N TYR A 172 8.28 -26.03 -1.37
CA TYR A 172 8.50 -25.45 -2.68
C TYR A 172 9.25 -24.10 -2.66
N ILE A 173 8.96 -23.27 -1.65
CA ILE A 173 9.62 -21.98 -1.44
C ILE A 173 11.08 -22.27 -1.10
N LYS A 174 11.27 -23.29 -0.28
CA LYS A 174 12.58 -23.77 0.14
C LYS A 174 13.30 -24.33 -1.07
N GLU A 175 12.54 -24.96 -1.94
CA GLU A 175 13.06 -25.53 -3.17
C GLU A 175 13.59 -24.44 -4.08
N LEU A 176 12.88 -23.34 -4.20
CA LEU A 176 13.32 -22.21 -4.99
C LEU A 176 14.60 -21.53 -4.45
N ARG A 177 14.67 -21.41 -3.14
CA ARG A 177 15.81 -20.83 -2.44
C ARG A 177 17.07 -21.66 -2.67
N LYS A 178 16.93 -22.98 -2.74
CA LYS A 178 18.01 -23.90 -3.02
C LYS A 178 18.53 -23.60 -4.42
N MET A 179 17.61 -23.52 -5.37
CA MET A 179 17.92 -23.24 -6.76
C MET A 179 18.58 -21.89 -7.09
N VAL A 180 18.33 -20.85 -6.32
CA VAL A 180 18.93 -19.56 -6.62
C VAL A 180 20.40 -19.52 -6.27
N ASN A 186 28.03 -16.68 -3.87
CA ASN A 186 27.85 -15.96 -2.60
C ASN A 186 26.43 -15.90 -2.04
N SER A 187 26.37 -15.92 -0.71
CA SER A 187 25.14 -15.89 0.03
C SER A 187 24.34 -14.62 -0.18
N GLY A 188 25.03 -13.50 -0.22
CA GLY A 188 24.38 -12.23 -0.38
C GLY A 188 23.66 -12.13 -1.69
N GLN A 189 24.31 -12.56 -2.75
CA GLN A 189 23.73 -12.55 -4.07
C GLN A 189 22.53 -13.50 -4.23
N SER A 190 22.61 -14.66 -3.59
CA SER A 190 21.57 -15.65 -3.62
C SER A 190 20.30 -15.17 -2.94
N TRP A 191 20.47 -14.52 -1.81
CA TRP A 191 19.37 -13.96 -1.09
C TRP A 191 18.73 -12.84 -1.90
N GLN A 192 19.55 -12.04 -2.58
CA GLN A 192 19.09 -10.95 -3.43
C GLN A 192 18.28 -11.49 -4.64
N ARG A 193 18.72 -12.61 -5.18
CA ARG A 193 18.04 -13.24 -6.28
C ARG A 193 16.68 -13.78 -5.86
N PHE A 194 16.66 -14.40 -4.68
CA PHE A 194 15.48 -14.95 -4.09
C PHE A 194 14.46 -13.80 -3.87
N TYR A 195 14.95 -12.64 -3.43
CA TYR A 195 14.12 -11.47 -3.25
C TYR A 195 13.56 -10.99 -4.61
N GLN A 196 14.43 -11.01 -5.61
CA GLN A 196 14.10 -10.59 -6.95
C GLN A 196 13.03 -11.44 -7.62
N LEU A 197 13.15 -12.75 -7.50
CA LEU A 197 12.18 -13.68 -8.03
C LEU A 197 10.83 -13.63 -7.29
N THR A 198 10.86 -13.58 -5.97
CA THR A 198 9.64 -13.50 -5.15
C THR A 198 8.84 -12.21 -5.42
N LYS A 199 9.58 -11.16 -5.68
CA LYS A 199 9.08 -9.86 -6.04
C LYS A 199 8.42 -9.88 -7.41
N LEU A 200 9.03 -10.59 -8.35
CA LEU A 200 8.50 -10.76 -9.68
C LEU A 200 7.16 -11.53 -9.58
N LEU A 201 7.06 -12.49 -8.69
CA LEU A 201 5.83 -13.23 -8.49
C LEU A 201 4.69 -12.31 -7.98
N ASP A 202 5.03 -11.38 -7.09
CA ASP A 202 4.06 -10.43 -6.57
C ASP A 202 3.59 -9.46 -7.65
N SER A 203 4.52 -9.00 -8.47
CA SER A 203 4.22 -8.10 -9.56
C SER A 203 3.32 -8.74 -10.61
N MET A 204 3.43 -10.06 -10.74
CA MET A 204 2.66 -10.89 -11.64
C MET A 204 1.21 -10.81 -11.22
N HIS A 205 1.00 -10.92 -9.92
CA HIS A 205 -0.32 -10.88 -9.36
C HIS A 205 -1.06 -9.55 -9.59
N ASP A 206 -0.33 -8.46 -9.56
CA ASP A 206 -0.92 -7.17 -9.82
C ASP A 206 -1.41 -7.15 -11.25
N LEU A 207 -0.57 -7.60 -12.16
CA LEU A 207 -0.91 -7.68 -13.56
C LEU A 207 -2.06 -8.66 -13.84
N VAL A 208 -2.03 -9.81 -13.19
CA VAL A 208 -3.01 -10.87 -13.33
C VAL A 208 -4.40 -10.42 -12.89
N SER A 209 -4.41 -9.62 -11.84
CA SER A 209 -5.62 -9.08 -11.29
C SER A 209 -6.34 -8.16 -12.28
N ASP A 210 -5.56 -7.36 -12.99
CA ASP A 210 -6.03 -6.47 -14.04
C ASP A 210 -6.55 -7.27 -15.24
N LEU A 211 -5.88 -8.35 -15.59
CA LEU A 211 -6.32 -9.19 -16.68
C LEU A 211 -7.69 -9.83 -16.36
N LEU A 212 -7.86 -10.30 -15.13
CA LEU A 212 -9.10 -10.91 -14.70
C LEU A 212 -10.27 -9.95 -14.73
N GLU A 213 -10.02 -8.70 -14.35
CA GLU A 213 -11.00 -7.65 -14.33
C GLU A 213 -11.50 -7.44 -15.72
N PHE A 214 -10.57 -7.37 -16.67
CA PHE A 214 -10.93 -7.19 -18.04
C PHE A 214 -11.63 -8.40 -18.64
N CYS A 215 -11.16 -9.58 -18.29
CA CYS A 215 -11.71 -10.82 -18.76
C CYS A 215 -13.14 -11.00 -18.25
N PHE A 216 -13.34 -10.63 -16.99
CA PHE A 216 -14.63 -10.69 -16.30
C PHE A 216 -15.69 -9.79 -16.93
N TYR A 217 -15.27 -8.59 -17.30
CA TYR A 217 -16.13 -7.61 -17.94
C TYR A 217 -16.57 -8.08 -19.33
N THR A 218 -15.62 -8.57 -20.10
CA THR A 218 -15.94 -9.03 -21.43
C THR A 218 -16.85 -10.24 -21.36
N PHE A 219 -16.64 -11.05 -20.33
CA PHE A 219 -17.43 -12.24 -20.07
C PHE A 219 -18.89 -11.87 -19.77
N ARG A 220 -19.02 -10.88 -18.91
CA ARG A 220 -20.27 -10.31 -18.49
C ARG A 220 -21.01 -9.63 -19.65
N GLU A 221 -20.25 -8.94 -20.47
CA GLU A 221 -20.75 -8.18 -21.60
C GLU A 221 -20.53 -8.86 -22.91
N SER A 222 -20.49 -10.18 -22.85
CA SER A 222 -20.17 -11.03 -23.99
C SER A 222 -21.04 -10.98 -25.21
N HIS A 223 -22.36 -10.97 -25.03
CA HIS A 223 -23.24 -10.89 -26.17
C HIS A 223 -23.18 -9.56 -26.87
N ALA A 224 -23.22 -8.47 -26.10
CA ALA A 224 -23.16 -7.16 -26.69
C ALA A 224 -21.84 -6.96 -27.38
N LEU A 225 -20.77 -7.37 -26.69
CA LEU A 225 -19.40 -7.28 -27.21
C LEU A 225 -19.07 -8.17 -28.38
N LYS A 226 -19.62 -9.36 -28.41
CA LYS A 226 -19.34 -10.36 -29.44
C LYS A 226 -18.02 -11.13 -29.21
N VAL A 227 -17.57 -11.14 -27.97
CA VAL A 227 -16.36 -11.85 -27.64
C VAL A 227 -16.74 -13.22 -27.14
N GLU A 228 -16.16 -14.24 -27.74
CA GLU A 228 -16.52 -15.60 -27.39
C GLU A 228 -15.50 -16.43 -26.59
N PHE A 229 -16.00 -17.11 -25.57
CA PHE A 229 -15.21 -17.93 -24.67
C PHE A 229 -15.48 -19.40 -24.83
N PRO A 230 -14.46 -20.24 -24.79
CA PRO A 230 -14.68 -21.68 -24.92
C PRO A 230 -15.37 -22.26 -23.69
N ALA A 231 -16.07 -23.36 -23.89
CA ALA A 231 -16.87 -23.99 -22.86
C ALA A 231 -16.16 -24.36 -21.57
N MET A 232 -14.96 -24.92 -21.65
CA MET A 232 -14.23 -25.29 -20.46
C MET A 232 -13.93 -24.03 -19.64
N LEU A 233 -13.58 -22.98 -20.33
CA LEU A 233 -13.31 -21.67 -19.78
C LEU A 233 -14.52 -20.97 -19.17
N VAL A 234 -15.67 -21.13 -19.80
CA VAL A 234 -16.91 -20.52 -19.36
C VAL A 234 -17.21 -21.07 -18.00
N GLU A 235 -16.92 -22.34 -17.83
CA GLU A 235 -17.13 -22.98 -16.56
C GLU A 235 -16.23 -22.45 -15.46
N ILE A 236 -14.96 -22.26 -15.79
CA ILE A 236 -13.98 -21.75 -14.85
C ILE A 236 -14.29 -20.32 -14.43
N ILE A 237 -14.56 -19.48 -15.41
CA ILE A 237 -14.84 -18.07 -15.17
C ILE A 237 -16.12 -17.78 -14.38
N SER A 238 -17.21 -18.48 -14.69
CA SER A 238 -18.48 -18.27 -14.01
C SER A 238 -18.35 -18.57 -12.53
N ASP A 239 -17.62 -19.63 -12.22
CA ASP A 239 -17.35 -19.99 -10.87
C ASP A 239 -16.42 -19.01 -10.13
N GLN A 240 -15.32 -18.67 -10.77
CA GLN A 240 -14.32 -17.77 -10.23
C GLN A 240 -14.72 -16.32 -9.99
N LEU A 241 -15.50 -15.75 -10.88
CA LEU A 241 -15.84 -14.36 -10.82
C LEU A 241 -16.54 -13.88 -9.55
N PRO A 242 -17.53 -14.58 -9.05
CA PRO A 242 -18.17 -14.13 -7.82
C PRO A 242 -17.22 -14.13 -6.62
N LYS A 243 -16.44 -15.19 -6.44
CA LYS A 243 -15.51 -15.25 -5.33
C LYS A 243 -14.39 -14.25 -5.41
N VAL A 244 -14.06 -13.81 -6.61
CA VAL A 244 -12.97 -12.87 -6.83
C VAL A 244 -13.39 -11.43 -6.63
N GLU A 245 -14.37 -10.99 -7.39
CA GLU A 245 -14.81 -9.61 -7.30
C GLU A 245 -15.36 -9.35 -5.90
N SER A 246 -15.69 -10.43 -5.22
CA SER A 246 -16.19 -10.39 -3.88
C SER A 246 -15.01 -10.19 -2.93
N GLY A 247 -13.81 -10.40 -3.43
CA GLY A 247 -12.63 -10.25 -2.60
C GLY A 247 -12.30 -11.46 -1.75
N ASN A 248 -12.89 -12.61 -2.07
CA ASN A 248 -12.69 -13.86 -1.34
C ASN A 248 -11.65 -14.84 -1.90
N ALA A 249 -10.83 -14.40 -2.83
CA ALA A 249 -9.82 -15.26 -3.31
C ALA A 249 -8.62 -14.71 -2.57
N LYS A 250 -8.00 -15.53 -1.73
CA LYS A 250 -6.85 -15.09 -0.96
C LYS A 250 -5.52 -15.28 -1.69
N PRO A 251 -5.04 -14.23 -2.34
CA PRO A 251 -3.79 -14.30 -3.11
C PRO A 251 -2.57 -14.05 -2.20
N LEU A 252 -1.69 -15.02 -2.10
CA LEU A 252 -0.56 -14.87 -1.21
C LEU A 252 0.59 -14.03 -1.74
N TYR A 253 1.00 -13.08 -0.94
CA TYR A 253 2.09 -12.17 -1.27
C TYR A 253 3.36 -12.42 -0.46
N PHE A 254 4.49 -12.45 -1.14
CA PHE A 254 5.77 -12.67 -0.50
C PHE A 254 6.26 -11.47 0.29
N HIS A 255 6.00 -10.30 -0.22
CA HIS A 255 6.47 -9.10 0.44
C HIS A 255 5.35 -8.12 0.81
N PRO B 11 13.66 18.97 31.85
CA PRO B 11 13.37 17.61 31.43
C PRO B 11 14.33 17.18 30.35
N VAL B 12 14.58 18.03 29.37
CA VAL B 12 15.48 17.77 28.24
C VAL B 12 16.97 17.59 28.56
N MET B 13 17.48 18.33 29.53
CA MET B 13 18.88 18.21 29.94
C MET B 13 19.11 16.84 30.58
N VAL B 14 18.10 16.37 31.29
CA VAL B 14 18.09 15.07 31.93
C VAL B 14 18.13 13.97 30.90
N LEU B 15 17.34 14.13 29.84
CA LEU B 15 17.31 13.17 28.77
C LEU B 15 18.64 13.08 28.05
N GLU B 16 19.31 14.20 27.85
CA GLU B 16 20.59 14.24 27.17
C GLU B 16 21.62 13.52 27.97
N ASN B 17 21.53 13.70 29.27
CA ASN B 17 22.39 13.07 30.24
C ASN B 17 22.26 11.56 30.31
N ILE B 18 21.05 11.02 30.18
CA ILE B 18 20.81 9.58 30.30
C ILE B 18 20.93 8.65 29.10
N GLU B 19 21.38 9.17 27.98
CA GLU B 19 21.50 8.38 26.76
C GLU B 19 22.46 7.17 26.93
N PRO B 20 22.18 6.09 26.22
CA PRO B 20 22.95 4.83 26.35
C PRO B 20 24.38 4.73 25.83
N GLU B 21 25.08 3.76 26.40
CA GLU B 21 26.46 3.42 26.07
C GLU B 21 26.64 2.57 24.81
N ILE B 22 27.87 2.45 24.37
CA ILE B 22 28.21 1.66 23.20
C ILE B 22 28.09 0.18 23.48
N VAL B 23 27.28 -0.49 22.70
CA VAL B 23 27.12 -1.94 22.88
C VAL B 23 27.60 -2.69 21.65
N TYR B 24 28.55 -3.59 21.83
CA TYR B 24 29.05 -4.43 20.78
C TYR B 24 28.20 -5.66 20.64
N ALA B 25 28.10 -6.15 19.42
CA ALA B 25 27.31 -7.33 19.13
C ALA B 25 28.06 -8.63 19.29
N GLY B 26 29.38 -8.60 19.26
CA GLY B 26 30.14 -9.81 19.37
C GLY B 26 30.29 -10.49 18.02
N TYR B 27 30.44 -9.69 16.98
CA TYR B 27 30.61 -10.16 15.61
C TYR B 27 31.74 -11.18 15.51
N PRO B 32 31.10 -17.11 9.08
CA PRO B 32 30.17 -17.42 7.99
C PRO B 32 28.93 -16.56 8.09
N ASP B 33 28.72 -15.69 7.11
CA ASP B 33 27.59 -14.79 7.10
C ASP B 33 26.25 -15.33 6.54
N THR B 34 25.75 -16.41 7.12
CA THR B 34 24.47 -17.00 6.76
C THR B 34 23.29 -16.26 7.40
N ALA B 35 22.08 -16.55 6.93
CA ALA B 35 20.92 -15.90 7.48
C ALA B 35 20.69 -16.25 8.94
N GLU B 36 20.86 -17.51 9.30
CA GLU B 36 20.68 -18.00 10.66
C GLU B 36 21.63 -17.37 11.64
N ASN B 37 22.88 -17.22 11.22
CA ASN B 37 23.92 -16.58 12.00
C ASN B 37 23.71 -15.07 12.23
N LEU B 38 23.33 -14.33 11.20
CA LEU B 38 23.11 -12.90 11.32
C LEU B 38 21.97 -12.59 12.27
N LEU B 39 20.92 -13.37 12.14
CA LEU B 39 19.73 -13.26 12.94
C LEU B 39 20.00 -13.56 14.40
N SER B 40 20.81 -14.58 14.65
CA SER B 40 21.18 -14.94 16.01
C SER B 40 22.01 -13.81 16.59
N THR B 41 22.85 -13.21 15.76
CA THR B 41 23.69 -12.09 16.15
C THR B 41 22.87 -10.82 16.47
N LEU B 42 21.86 -10.55 15.65
CA LEU B 42 20.94 -9.45 15.83
C LEU B 42 20.15 -9.66 17.12
N ASN B 43 19.73 -10.89 17.35
CA ASN B 43 19.03 -11.29 18.56
C ASN B 43 19.91 -11.16 19.80
N ARG B 44 21.17 -11.55 19.70
CA ARG B 44 22.09 -11.46 20.82
C ARG B 44 22.25 -9.99 21.21
N LEU B 45 22.38 -9.14 20.20
CA LEU B 45 22.51 -7.72 20.37
C LEU B 45 21.26 -7.04 20.94
N ALA B 46 20.10 -7.42 20.47
CA ALA B 46 18.86 -6.86 20.93
C ALA B 46 18.70 -7.10 22.39
N GLY B 47 19.07 -8.29 22.84
CA GLY B 47 19.01 -8.62 24.25
C GLY B 47 19.96 -7.79 25.09
N LYS B 48 21.20 -7.63 24.66
CA LYS B 48 22.17 -6.76 25.32
C LYS B 48 21.64 -5.32 25.35
N GLN B 49 21.05 -4.87 24.26
CA GLN B 49 20.45 -3.55 24.13
C GLN B 49 19.26 -3.36 25.08
N MET B 50 18.56 -4.43 25.37
CA MET B 50 17.44 -4.42 26.27
C MET B 50 17.87 -3.99 27.65
N ILE B 51 19.08 -4.33 28.05
CA ILE B 51 19.64 -3.92 29.32
C ILE B 51 19.80 -2.41 29.35
N GLN B 52 20.30 -1.86 28.27
CA GLN B 52 20.46 -0.43 28.13
C GLN B 52 19.14 0.30 28.19
N VAL B 53 18.10 -0.28 27.61
CA VAL B 53 16.77 0.31 27.61
C VAL B 53 16.15 0.41 29.00
N VAL B 54 16.27 -0.65 29.77
CA VAL B 54 15.76 -0.72 31.12
C VAL B 54 16.46 0.28 32.02
N LYS B 55 17.76 0.37 31.87
CA LYS B 55 18.59 1.30 32.59
C LYS B 55 18.22 2.74 32.27
N TRP B 56 17.97 3.01 31.01
CA TRP B 56 17.52 4.29 30.53
C TRP B 56 16.09 4.63 30.99
N ALA B 57 15.17 3.69 30.87
CA ALA B 57 13.79 3.91 31.25
C ALA B 57 13.56 4.18 32.73
N LYS B 58 14.32 3.49 33.58
CA LYS B 58 14.19 3.61 35.01
C LYS B 58 14.44 5.03 35.53
N VAL B 59 15.29 5.78 34.86
CA VAL B 59 15.53 7.14 35.30
C VAL B 59 14.70 8.21 34.58
N LEU B 60 13.85 7.85 33.65
CA LEU B 60 13.04 8.84 32.94
C LEU B 60 12.05 9.64 33.81
N PRO B 61 12.00 10.95 33.63
CA PRO B 61 11.07 11.75 34.43
C PRO B 61 9.64 11.33 34.14
N GLY B 62 8.83 11.34 35.19
CA GLY B 62 7.46 10.93 35.15
C GLY B 62 7.29 9.43 35.18
N PHE B 63 7.98 8.76 34.28
CA PHE B 63 7.96 7.33 34.07
C PHE B 63 8.37 6.53 35.29
N LYS B 64 9.34 7.04 36.00
CA LYS B 64 9.84 6.40 37.20
C LYS B 64 8.83 6.31 38.33
N ASN B 65 7.83 7.17 38.31
CA ASN B 65 6.82 7.17 39.34
C ASN B 65 5.67 6.24 39.08
N LEU B 66 5.63 5.73 37.87
CA LEU B 66 4.59 4.84 37.51
C LEU B 66 4.82 3.53 38.22
N PRO B 67 3.77 2.76 38.37
CA PRO B 67 3.94 1.46 39.01
C PRO B 67 4.91 0.66 38.14
N LEU B 68 5.67 -0.17 38.83
CA LEU B 68 6.68 -1.00 38.25
C LEU B 68 6.12 -1.96 37.23
N GLU B 69 4.96 -2.53 37.51
CA GLU B 69 4.36 -3.45 36.59
C GLU B 69 4.05 -2.76 35.26
N ASP B 70 3.61 -1.51 35.35
CA ASP B 70 3.33 -0.65 34.20
C ASP B 70 4.57 -0.30 33.40
N GLN B 71 5.69 -0.10 34.09
CA GLN B 71 6.96 0.28 33.48
C GLN B 71 7.46 -0.80 32.58
N ILE B 72 7.41 -1.99 33.12
CA ILE B 72 7.81 -3.19 32.47
C ILE B 72 6.88 -3.51 31.31
N THR B 73 5.60 -3.29 31.51
CA THR B 73 4.62 -3.54 30.51
C THR B 73 4.90 -2.62 29.31
N LEU B 74 5.18 -1.35 29.58
CA LEU B 74 5.52 -0.42 28.54
C LEU B 74 6.83 -0.80 27.86
N ILE B 75 7.80 -1.23 28.64
CA ILE B 75 9.05 -1.63 28.08
C ILE B 75 8.87 -2.85 27.17
N GLN B 76 8.11 -3.83 27.62
CA GLN B 76 7.82 -5.02 26.87
C GLN B 76 7.07 -4.73 25.58
N TYR B 77 6.10 -3.84 25.65
CA TYR B 77 5.32 -3.41 24.50
C TYR B 77 6.12 -2.68 23.42
N SER B 78 7.10 -1.87 23.81
CA SER B 78 7.88 -1.10 22.87
C SER B 78 9.34 -1.44 22.66
N TRP B 79 9.77 -2.65 22.96
CA TRP B 79 11.16 -3.00 22.78
C TRP B 79 11.65 -2.92 21.34
N MET B 80 10.86 -3.39 20.41
CA MET B 80 11.25 -3.36 19.01
C MET B 80 11.38 -1.93 18.52
N SER B 81 10.42 -1.13 18.94
CA SER B 81 10.27 0.25 18.61
C SER B 81 11.41 1.11 19.12
N LEU B 82 11.79 0.88 20.36
CA LEU B 82 12.90 1.56 20.96
C LEU B 82 14.23 1.20 20.26
N SER B 83 14.41 -0.07 19.92
CA SER B 83 15.58 -0.54 19.19
C SER B 83 15.78 0.02 17.80
N SER B 84 14.70 0.07 17.03
CA SER B 84 14.67 0.58 15.66
C SER B 84 14.97 2.05 15.54
N PHE B 85 14.39 2.83 16.44
CA PHE B 85 14.54 4.26 16.51
C PHE B 85 15.96 4.65 16.86
N ALA B 86 16.51 3.91 17.82
CA ALA B 86 17.86 4.04 18.32
C ALA B 86 18.85 3.62 17.25
N LEU B 87 18.52 2.56 16.52
CA LEU B 87 19.32 2.06 15.44
C LEU B 87 19.40 3.12 14.37
N SER B 88 18.26 3.73 14.13
CA SER B 88 18.07 4.78 13.17
C SER B 88 18.93 5.99 13.53
N TRP B 89 18.94 6.36 14.80
CA TRP B 89 19.78 7.41 15.28
C TRP B 89 21.31 7.08 15.18
N ARG B 90 21.73 5.86 15.50
CA ARG B 90 23.12 5.50 15.37
C ARG B 90 23.49 5.57 13.89
N SER B 91 22.60 5.10 13.02
CA SER B 91 22.84 5.16 11.59
C SER B 91 22.98 6.59 11.06
N TYR B 92 22.12 7.49 11.50
CA TYR B 92 22.16 8.89 11.11
C TYR B 92 23.46 9.56 11.57
N LYS B 93 23.81 9.42 12.84
CA LYS B 93 25.03 10.02 13.35
C LYS B 93 26.36 9.48 12.83
N HIS B 94 26.54 8.17 12.86
CA HIS B 94 27.74 7.50 12.39
C HIS B 94 28.01 7.43 10.88
N THR B 95 26.97 7.20 10.10
CA THR B 95 27.12 7.04 8.66
C THR B 95 26.34 7.94 7.71
N ASN B 96 25.65 8.94 8.23
CA ASN B 96 24.78 9.82 7.48
C ASN B 96 23.66 9.04 6.82
N SER B 97 23.30 7.97 7.51
CA SER B 97 22.25 7.03 7.16
C SER B 97 22.49 6.24 5.89
N GLN B 98 23.74 6.15 5.51
CA GLN B 98 24.13 5.37 4.40
C GLN B 98 23.98 3.87 4.70
N PHE B 99 24.24 3.51 5.93
CA PHE B 99 24.19 2.15 6.43
C PHE B 99 23.36 1.96 7.69
N LEU B 100 23.12 0.71 8.03
CA LEU B 100 22.41 0.39 9.24
C LEU B 100 23.47 0.10 10.27
N TYR B 101 23.67 1.04 11.17
CA TYR B 101 24.65 0.93 12.23
C TYR B 101 24.12 0.28 13.51
N PHE B 102 24.05 -1.05 13.50
CA PHE B 102 23.57 -1.83 14.64
C PHE B 102 24.50 -1.77 15.83
N ALA B 103 25.79 -1.88 15.53
CA ALA B 103 26.87 -1.83 16.47
C ALA B 103 28.16 -1.46 15.74
N PRO B 104 29.21 -1.10 16.46
CA PRO B 104 30.49 -0.78 15.81
C PRO B 104 30.98 -1.99 15.02
N ASP B 105 30.64 -3.17 15.50
CA ASP B 105 31.00 -4.41 14.86
C ASP B 105 29.87 -5.01 14.04
N LEU B 106 28.80 -4.27 13.85
CA LEU B 106 27.68 -4.77 13.07
C LEU B 106 27.04 -3.71 12.19
N VAL B 107 27.69 -3.41 11.10
CA VAL B 107 27.18 -2.41 10.21
C VAL B 107 26.69 -3.04 8.93
N PHE B 108 25.47 -2.68 8.55
CA PHE B 108 24.85 -3.23 7.36
C PHE B 108 24.73 -2.34 6.14
N ASN B 109 25.29 -2.85 5.07
CA ASN B 109 25.20 -2.29 3.74
C ASN B 109 24.16 -3.12 2.99
N GLU B 110 24.07 -2.95 1.69
CA GLU B 110 23.10 -3.68 0.89
C GLU B 110 23.25 -5.20 0.91
N GLU B 111 24.48 -5.67 0.86
CA GLU B 111 24.76 -7.08 0.86
C GLU B 111 24.26 -7.76 2.14
N LYS B 112 24.54 -7.18 3.30
CA LYS B 112 24.10 -7.69 4.60
C LYS B 112 22.58 -7.67 4.81
N MET B 113 21.91 -6.66 4.28
CA MET B 113 20.46 -6.60 4.39
C MET B 113 19.87 -7.82 3.66
N HIS B 114 20.39 -8.14 2.48
CA HIS B 114 19.97 -9.35 1.82
C HIS B 114 20.35 -10.59 2.61
N GLN B 115 21.60 -10.67 3.02
CA GLN B 115 22.17 -11.79 3.76
C GLN B 115 21.36 -12.08 5.03
N SER B 116 20.79 -11.05 5.63
CA SER B 116 19.97 -11.20 6.81
C SER B 116 18.70 -12.00 6.57
N ALA B 117 18.22 -11.99 5.34
CA ALA B 117 16.97 -12.61 4.92
C ALA B 117 15.82 -11.71 5.36
N MET B 118 16.18 -10.48 5.66
CA MET B 118 15.29 -9.43 6.12
C MET B 118 15.44 -8.16 5.28
N TYR B 119 15.54 -8.31 3.97
CA TYR B 119 15.77 -7.15 3.13
C TYR B 119 14.77 -5.99 3.09
N GLU B 120 13.49 -6.24 2.91
CA GLU B 120 12.52 -5.16 2.92
C GLU B 120 12.41 -4.46 4.28
N LEU B 121 12.46 -5.22 5.35
CA LEU B 121 12.39 -4.68 6.70
C LEU B 121 13.58 -3.78 7.02
N CYS B 122 14.78 -4.18 6.61
CA CYS B 122 15.98 -3.40 6.82
C CYS B 122 15.92 -2.10 6.05
N GLN B 123 15.37 -2.21 4.87
CA GLN B 123 15.16 -1.11 3.96
C GLN B 123 14.24 -0.08 4.54
N GLY B 124 13.23 -0.55 5.26
CA GLY B 124 12.27 0.28 5.95
C GLY B 124 12.87 1.13 7.04
N MET B 125 13.76 0.52 7.81
CA MET B 125 14.51 1.17 8.86
C MET B 125 15.48 2.18 8.26
N HIS B 126 16.03 1.84 7.12
CA HIS B 126 16.96 2.67 6.38
C HIS B 126 16.26 3.94 5.88
N GLN B 127 15.04 3.79 5.41
CA GLN B 127 14.21 4.89 4.93
C GLN B 127 13.88 5.89 6.03
N ILE B 128 13.68 5.38 7.24
CA ILE B 128 13.43 6.19 8.42
C ILE B 128 14.69 7.00 8.75
N SER B 129 15.82 6.37 8.60
CA SER B 129 17.11 6.99 8.86
C SER B 129 17.33 8.16 7.92
N LEU B 130 16.94 7.97 6.67
CA LEU B 130 17.05 8.94 5.62
C LEU B 130 16.21 10.17 5.92
N GLN B 131 15.06 9.95 6.56
CA GLN B 131 14.18 11.00 7.02
C GLN B 131 14.91 11.84 8.06
N PHE B 132 15.73 11.22 8.89
CA PHE B 132 16.51 11.92 9.90
C PHE B 132 17.47 12.93 9.27
N VAL B 133 18.12 12.54 8.18
CA VAL B 133 19.03 13.39 7.45
C VAL B 133 18.29 14.56 6.79
N ARG B 134 17.16 14.27 6.19
CA ARG B 134 16.37 15.30 5.56
C ARG B 134 15.81 16.30 6.55
N LEU B 135 15.32 15.78 7.65
CA LEU B 135 14.81 16.56 8.73
C LEU B 135 15.93 17.23 9.50
N GLN B 136 17.11 16.64 9.44
CA GLN B 136 18.23 17.13 10.21
C GLN B 136 17.78 17.11 11.66
N LEU B 137 17.36 15.92 12.05
CA LEU B 137 16.86 15.65 13.37
C LEU B 137 17.82 16.04 14.47
N THR B 138 17.23 16.69 15.43
CA THR B 138 17.90 17.21 16.57
C THR B 138 17.97 16.16 17.67
N PHE B 139 19.04 16.21 18.43
CA PHE B 139 19.24 15.32 19.53
C PHE B 139 18.09 15.55 20.51
N GLU B 140 17.68 16.80 20.62
CA GLU B 140 16.55 17.17 21.45
C GLU B 140 15.23 16.55 20.97
N GLU B 141 14.97 16.61 19.68
CA GLU B 141 13.76 16.00 19.12
C GLU B 141 13.83 14.50 19.27
N TYR B 142 15.00 13.96 18.98
CA TYR B 142 15.24 12.53 19.09
C TYR B 142 15.02 11.95 20.50
N THR B 143 15.52 12.59 21.55
CA THR B 143 15.27 12.09 22.90
C THR B 143 13.78 12.12 23.32
N ILE B 144 13.06 13.16 22.94
CA ILE B 144 11.66 13.24 23.27
C ILE B 144 10.87 12.16 22.54
N MET B 145 11.19 11.97 21.27
CA MET B 145 10.55 10.99 20.43
C MET B 145 10.72 9.56 20.94
N LYS B 146 11.90 9.28 21.48
CA LYS B 146 12.24 7.97 22.02
C LYS B 146 11.36 7.67 23.25
N VAL B 147 11.15 8.68 24.08
CA VAL B 147 10.26 8.60 25.22
C VAL B 147 8.80 8.39 24.75
N LEU B 148 8.39 9.09 23.71
CA LEU B 148 7.05 8.95 23.14
C LEU B 148 6.80 7.53 22.58
N LEU B 149 7.80 6.90 22.02
CA LEU B 149 7.72 5.53 21.53
C LEU B 149 7.45 4.51 22.63
N LEU B 150 8.09 4.73 23.76
CA LEU B 150 7.97 3.93 24.94
C LEU B 150 6.56 4.00 25.51
N LEU B 151 5.91 5.13 25.25
CA LEU B 151 4.56 5.44 25.67
C LEU B 151 3.54 5.19 24.56
N SER B 152 3.97 4.53 23.51
CA SER B 152 3.21 4.19 22.32
C SER B 152 2.09 3.12 22.31
N THR B 153 2.27 2.03 23.03
CA THR B 153 1.33 0.94 23.10
C THR B 153 0.94 0.56 24.52
N ILE B 154 -0.33 0.40 24.74
CA ILE B 154 -0.80 0.08 26.05
C ILE B 154 -1.73 -1.11 25.97
N PRO B 155 -2.02 -1.73 27.09
CA PRO B 155 -2.95 -2.84 27.10
C PRO B 155 -4.34 -2.34 26.77
N LYS B 156 -5.17 -3.23 26.28
CA LYS B 156 -6.54 -2.94 25.90
C LYS B 156 -7.38 -2.40 27.05
N ASP B 157 -7.17 -2.93 28.25
CA ASP B 157 -7.90 -2.48 29.42
C ASP B 157 -7.17 -1.38 30.14
N GLY B 158 -6.02 -1.02 29.60
CA GLY B 158 -5.21 0.03 30.16
C GLY B 158 -4.18 -0.41 31.17
N LEU B 159 -3.60 0.59 31.81
CA LEU B 159 -2.57 0.41 32.83
C LEU B 159 -3.16 0.52 34.22
N LYS B 160 -2.41 0.05 35.20
CA LYS B 160 -2.80 0.09 36.59
C LYS B 160 -2.97 1.55 37.00
N SER B 161 -2.13 2.42 36.45
CA SER B 161 -2.14 3.84 36.73
C SER B 161 -2.27 4.54 35.40
N GLN B 162 -3.37 4.26 34.75
CA GLN B 162 -3.69 4.77 33.42
C GLN B 162 -3.79 6.29 33.30
N ALA B 163 -4.41 6.94 34.26
CA ALA B 163 -4.49 8.40 34.27
C ALA B 163 -3.11 9.03 34.48
N ALA B 164 -2.29 8.45 35.34
CA ALA B 164 -0.97 9.00 35.55
C ALA B 164 -0.20 8.93 34.23
N PHE B 165 -0.42 7.87 33.47
CA PHE B 165 0.22 7.67 32.19
C PHE B 165 -0.16 8.73 31.13
N GLU B 166 -1.43 9.07 31.09
CA GLU B 166 -1.95 10.04 30.16
C GLU B 166 -1.40 11.45 30.35
N GLU B 167 -1.24 11.86 31.61
CA GLU B 167 -0.68 13.15 31.92
C GLU B 167 0.81 13.23 31.56
N MET B 168 1.55 12.19 31.89
CA MET B 168 2.97 12.10 31.62
C MET B 168 3.23 12.16 30.12
N ARG B 169 2.40 11.45 29.38
CA ARG B 169 2.46 11.40 27.95
C ARG B 169 2.03 12.71 27.29
N THR B 170 0.99 13.33 27.82
CA THR B 170 0.49 14.58 27.28
C THR B 170 1.59 15.60 27.48
N ASN B 171 2.23 15.54 28.63
CA ASN B 171 3.33 16.41 28.99
C ASN B 171 4.54 16.22 28.10
N TYR B 172 4.82 14.98 27.73
CA TYR B 172 5.90 14.66 26.85
C TYR B 172 5.70 15.20 25.43
N ILE B 173 4.46 15.20 24.98
CA ILE B 173 4.05 15.74 23.69
C ILE B 173 4.24 17.26 23.63
N LYS B 174 3.93 17.90 24.75
CA LYS B 174 4.09 19.32 24.95
C LYS B 174 5.57 19.67 24.91
N GLU B 175 6.36 18.83 25.53
CA GLU B 175 7.80 18.98 25.54
C GLU B 175 8.36 18.88 24.12
N LEU B 176 7.86 17.97 23.31
CA LEU B 176 8.30 17.83 21.94
C LEU B 176 7.98 19.08 21.13
N ARG B 177 6.83 19.62 21.43
CA ARG B 177 6.30 20.80 20.79
C ARG B 177 7.23 21.97 21.04
N LYS B 178 7.77 22.06 22.25
CA LYS B 178 8.71 23.10 22.57
C LYS B 178 10.03 22.86 21.85
N MET B 179 10.51 21.63 21.85
CA MET B 179 11.79 21.32 21.23
C MET B 179 11.85 21.38 19.71
N VAL B 180 10.69 21.41 19.07
CA VAL B 180 10.66 21.51 17.64
C VAL B 180 10.80 22.97 17.27
N SER B 190 7.91 25.27 11.63
CA SER B 190 7.88 24.85 13.03
C SER B 190 6.67 23.95 13.31
N TRP B 191 5.48 24.43 12.99
CA TRP B 191 4.27 23.65 13.14
C TRP B 191 4.34 22.47 12.19
N GLN B 192 4.85 22.73 11.00
CA GLN B 192 4.98 21.72 9.96
C GLN B 192 5.93 20.61 10.37
N ARG B 193 7.02 21.01 11.02
CA ARG B 193 8.05 20.12 11.51
C ARG B 193 7.53 19.18 12.56
N PHE B 194 6.78 19.73 13.51
CA PHE B 194 6.16 18.99 14.58
C PHE B 194 5.19 17.99 13.99
N TYR B 195 4.44 18.38 12.96
CA TYR B 195 3.55 17.48 12.30
C TYR B 195 4.29 16.32 11.62
N GLN B 196 5.41 16.61 10.97
CA GLN B 196 6.21 15.60 10.30
C GLN B 196 6.76 14.59 11.30
N LEU B 197 7.20 15.10 12.45
CA LEU B 197 7.74 14.31 13.53
C LEU B 197 6.69 13.38 14.17
N THR B 198 5.51 13.91 14.40
CA THR B 198 4.40 13.12 14.94
C THR B 198 4.03 12.08 13.92
N LYS B 199 4.17 12.47 12.66
CA LYS B 199 3.97 11.62 11.52
C LYS B 199 4.99 10.48 11.40
N LEU B 200 6.25 10.77 11.67
CA LEU B 200 7.33 9.80 11.64
C LEU B 200 7.11 8.74 12.71
N LEU B 201 6.70 9.16 13.88
CA LEU B 201 6.44 8.25 14.95
C LEU B 201 5.32 7.30 14.62
N ASP B 202 4.27 7.83 14.03
CA ASP B 202 3.12 7.06 13.62
C ASP B 202 3.52 6.00 12.60
N SER B 203 4.38 6.36 11.66
CA SER B 203 4.82 5.42 10.65
C SER B 203 5.69 4.30 11.24
N MET B 204 6.32 4.59 12.37
CA MET B 204 7.15 3.64 13.05
C MET B 204 6.34 2.43 13.46
N HIS B 205 5.10 2.63 13.89
CA HIS B 205 4.25 1.56 14.37
C HIS B 205 4.07 0.49 13.31
N ASP B 206 3.90 0.89 12.06
CA ASP B 206 3.77 -0.04 10.96
C ASP B 206 5.02 -0.84 10.62
N LEU B 207 6.16 -0.19 10.63
CA LEU B 207 7.41 -0.89 10.39
C LEU B 207 7.72 -1.86 11.55
N VAL B 208 7.47 -1.41 12.77
CA VAL B 208 7.72 -2.18 13.98
C VAL B 208 6.83 -3.43 14.05
N SER B 209 5.59 -3.27 13.66
CA SER B 209 4.60 -4.32 13.62
C SER B 209 5.04 -5.38 12.61
N ASP B 210 5.56 -4.94 11.48
CA ASP B 210 6.07 -5.84 10.48
C ASP B 210 7.27 -6.60 11.01
N LEU B 211 8.14 -5.92 11.74
CA LEU B 211 9.29 -6.55 12.34
C LEU B 211 8.88 -7.56 13.41
N LEU B 212 7.87 -7.23 14.20
CA LEU B 212 7.39 -8.11 15.25
C LEU B 212 6.81 -9.40 14.67
N GLU B 213 6.13 -9.27 13.55
CA GLU B 213 5.55 -10.39 12.87
C GLU B 213 6.64 -11.35 12.45
N PHE B 214 7.66 -10.84 11.81
CA PHE B 214 8.78 -11.64 11.37
C PHE B 214 9.54 -12.24 12.55
N CYS B 215 9.65 -11.47 13.60
CA CYS B 215 10.33 -11.91 14.78
C CYS B 215 9.64 -13.08 15.44
N PHE B 216 8.32 -12.98 15.52
CA PHE B 216 7.47 -14.00 16.06
C PHE B 216 7.55 -15.29 15.25
N TYR B 217 7.58 -15.15 13.94
CA TYR B 217 7.66 -16.32 13.10
C TYR B 217 8.95 -17.12 13.31
N THR B 218 10.08 -16.44 13.32
CA THR B 218 11.34 -17.12 13.55
C THR B 218 11.40 -17.68 14.95
N PHE B 219 10.69 -17.05 15.87
CA PHE B 219 10.64 -17.49 17.23
C PHE B 219 10.01 -18.87 17.37
N ARG B 220 8.89 -19.07 16.68
CA ARG B 220 8.18 -20.34 16.64
C ARG B 220 8.92 -21.42 15.90
N GLU B 221 9.48 -21.05 14.76
CA GLU B 221 10.18 -21.93 13.87
C GLU B 221 11.65 -21.88 14.12
N SER B 222 11.99 -21.47 15.33
CA SER B 222 13.35 -21.30 15.74
C SER B 222 14.23 -22.56 15.64
N HIS B 223 13.74 -23.72 16.08
CA HIS B 223 14.49 -24.97 16.00
C HIS B 223 14.74 -25.33 14.53
N ALA B 224 13.67 -25.24 13.74
CA ALA B 224 13.71 -25.54 12.33
C ALA B 224 14.61 -24.60 11.52
N LEU B 225 14.62 -23.33 11.84
CA LEU B 225 15.43 -22.38 11.11
C LEU B 225 16.79 -22.21 11.68
N LYS B 226 17.00 -22.77 12.86
CA LYS B 226 18.26 -22.60 13.54
C LYS B 226 18.57 -21.15 13.94
N VAL B 227 17.58 -20.46 14.48
CA VAL B 227 17.80 -19.09 14.91
C VAL B 227 17.85 -18.98 16.45
N GLU B 228 18.99 -18.54 16.96
CA GLU B 228 19.22 -18.35 18.39
C GLU B 228 18.59 -17.05 18.95
N PHE B 229 17.92 -17.20 20.06
CA PHE B 229 17.31 -16.10 20.75
C PHE B 229 17.86 -16.13 22.15
N PRO B 230 18.35 -15.00 22.63
CA PRO B 230 18.89 -14.92 24.00
C PRO B 230 17.78 -15.09 25.04
N ALA B 231 18.09 -15.52 26.25
CA ALA B 231 17.08 -15.78 27.27
C ALA B 231 16.20 -14.62 27.69
N MET B 232 16.74 -13.44 27.88
CA MET B 232 15.85 -12.36 28.27
C MET B 232 14.83 -12.02 27.19
N LEU B 233 15.25 -12.11 25.94
CA LEU B 233 14.39 -11.87 24.80
C LEU B 233 13.28 -12.90 24.69
N VAL B 234 13.59 -14.14 24.99
CA VAL B 234 12.62 -15.22 24.97
C VAL B 234 11.57 -14.92 26.01
N GLU B 235 12.00 -14.41 27.15
CA GLU B 235 11.10 -14.06 28.22
C GLU B 235 10.16 -12.97 27.77
N ILE B 236 10.72 -11.95 27.12
CA ILE B 236 9.90 -10.85 26.62
C ILE B 236 8.93 -11.26 25.50
N ILE B 237 9.43 -11.96 24.50
CA ILE B 237 8.61 -12.39 23.37
C ILE B 237 7.47 -13.38 23.72
N SER B 238 7.73 -14.30 24.62
CA SER B 238 6.73 -15.27 25.03
C SER B 238 5.55 -14.56 25.62
N ASP B 239 5.86 -13.59 26.47
CA ASP B 239 4.83 -12.77 27.07
C ASP B 239 4.16 -11.90 26.01
N GLN B 240 4.97 -11.32 25.13
CA GLN B 240 4.44 -10.45 24.11
C GLN B 240 3.56 -11.00 23.00
N LEU B 241 3.98 -12.08 22.37
CA LEU B 241 3.30 -12.60 21.20
C LEU B 241 1.84 -13.00 21.42
N PRO B 242 1.51 -13.60 22.56
CA PRO B 242 0.13 -13.93 22.79
C PRO B 242 -0.74 -12.67 22.81
N LYS B 243 -0.31 -11.63 23.52
CA LYS B 243 -1.05 -10.39 23.60
C LYS B 243 -1.26 -9.71 22.27
N VAL B 244 -0.22 -9.62 21.46
CA VAL B 244 -0.25 -8.97 20.17
C VAL B 244 -1.20 -9.65 19.22
N GLU B 245 -1.38 -10.94 19.41
CA GLU B 245 -2.26 -11.68 18.56
C GLU B 245 -3.66 -11.61 19.13
N SER B 246 -3.80 -11.92 20.40
CA SER B 246 -5.11 -11.83 21.02
C SER B 246 -5.63 -10.40 21.08
N GLY B 247 -4.94 -9.49 20.39
CA GLY B 247 -5.32 -8.10 20.35
C GLY B 247 -5.33 -7.27 21.62
N ASN B 248 -4.45 -7.58 22.55
CA ASN B 248 -4.34 -6.83 23.80
C ASN B 248 -3.09 -5.94 23.74
N ALA B 249 -2.89 -5.28 22.63
CA ALA B 249 -1.79 -4.35 22.44
C ALA B 249 -2.29 -3.13 21.72
N LYS B 250 -2.83 -2.15 22.45
CA LYS B 250 -3.37 -0.97 21.82
C LYS B 250 -2.41 0.19 21.45
N PRO B 251 -2.21 0.35 20.15
CA PRO B 251 -1.39 1.43 19.63
C PRO B 251 -2.06 2.79 19.77
N LEU B 252 -1.26 3.78 20.08
CA LEU B 252 -1.70 5.15 20.23
C LEU B 252 -1.07 5.88 19.07
N TYR B 253 -1.83 6.68 18.36
CA TYR B 253 -1.33 7.44 17.23
C TYR B 253 -1.66 8.89 17.35
N PHE B 254 -0.87 9.70 16.68
CA PHE B 254 -1.06 11.12 16.60
C PHE B 254 -2.13 11.53 15.59
N HIS B 255 -2.26 10.78 14.50
CA HIS B 255 -3.23 11.13 13.46
C HIS B 255 -4.30 10.09 13.09
N PRO C 11 -27.48 14.90 -19.49
CA PRO C 11 -26.76 14.28 -18.37
C PRO C 11 -25.39 14.89 -18.33
N VAL C 12 -24.60 14.55 -19.32
CA VAL C 12 -23.27 15.09 -19.51
C VAL C 12 -23.42 16.54 -19.91
N MET C 13 -24.45 16.79 -20.71
CA MET C 13 -24.78 18.11 -21.19
C MET C 13 -25.16 18.99 -20.00
N VAL C 14 -25.87 18.39 -19.05
CA VAL C 14 -26.26 19.09 -17.82
C VAL C 14 -25.04 19.42 -16.95
N LEU C 15 -24.13 18.47 -16.84
CA LEU C 15 -22.92 18.67 -16.07
C LEU C 15 -22.02 19.76 -16.62
N GLU C 16 -21.91 19.83 -17.93
CA GLU C 16 -21.11 20.84 -18.61
C GLU C 16 -21.70 22.21 -18.32
N ASN C 17 -23.03 22.25 -18.29
CA ASN C 17 -23.83 23.42 -17.99
C ASN C 17 -23.72 23.99 -16.58
N ILE C 18 -23.68 23.12 -15.57
CA ILE C 18 -23.66 23.50 -14.17
C ILE C 18 -22.31 23.69 -13.51
N GLU C 19 -21.28 23.68 -14.31
CA GLU C 19 -19.94 23.84 -13.84
C GLU C 19 -19.76 25.22 -13.17
N PRO C 20 -18.87 25.30 -12.19
CA PRO C 20 -18.66 26.52 -11.40
C PRO C 20 -17.97 27.73 -12.02
N GLU C 21 -18.15 28.84 -11.33
CA GLU C 21 -17.61 30.14 -11.65
C GLU C 21 -16.18 30.38 -11.16
N ILE C 22 -15.64 31.54 -11.45
CA ILE C 22 -14.33 31.92 -11.01
C ILE C 22 -14.44 32.49 -9.61
N VAL C 23 -13.67 31.93 -8.70
CA VAL C 23 -13.65 32.37 -7.34
C VAL C 23 -12.29 32.94 -7.12
N TYR C 24 -12.22 34.15 -6.58
CA TYR C 24 -10.95 34.76 -6.29
C TYR C 24 -10.60 34.45 -4.85
N ALA C 25 -9.35 34.13 -4.60
CA ALA C 25 -8.94 33.83 -3.25
C ALA C 25 -8.86 35.07 -2.41
N GLY C 26 -8.66 36.22 -3.02
CA GLY C 26 -8.54 37.45 -2.29
C GLY C 26 -7.13 37.72 -1.81
N TYR C 27 -6.16 37.17 -2.53
CA TYR C 27 -4.74 37.28 -2.22
C TYR C 27 -4.28 38.43 -1.32
N PRO C 32 2.49 39.62 3.47
CA PRO C 32 3.73 38.83 3.34
C PRO C 32 3.41 37.35 3.24
N ASP C 33 4.22 36.61 2.47
CA ASP C 33 3.95 35.20 2.28
C ASP C 33 4.40 34.27 3.40
N THR C 34 3.90 34.55 4.57
CA THR C 34 4.12 33.71 5.71
C THR C 34 3.20 32.51 5.50
N ALA C 35 3.54 31.38 6.08
CA ALA C 35 2.73 30.18 5.93
C ALA C 35 1.35 30.43 6.48
N GLU C 36 1.28 31.16 7.57
CA GLU C 36 0.03 31.50 8.21
C GLU C 36 -0.88 32.31 7.32
N ASN C 37 -0.32 33.26 6.59
CA ASN C 37 -1.10 34.05 5.69
C ASN C 37 -1.59 33.18 4.52
N LEU C 38 -0.70 32.34 4.02
CA LEU C 38 -1.02 31.43 2.95
C LEU C 38 -2.09 30.41 3.32
N LEU C 39 -1.99 29.83 4.50
CA LEU C 39 -2.94 28.87 4.97
C LEU C 39 -4.31 29.50 5.16
N SER C 40 -4.34 30.71 5.69
CA SER C 40 -5.57 31.45 5.91
C SER C 40 -6.27 31.77 4.60
N THR C 41 -5.46 32.14 3.63
CA THR C 41 -5.91 32.43 2.28
C THR C 41 -6.46 31.20 1.61
N LEU C 42 -5.80 30.08 1.84
CA LEU C 42 -6.21 28.80 1.30
C LEU C 42 -7.54 28.39 1.89
N ASN C 43 -7.71 28.67 3.17
CA ASN C 43 -8.94 28.42 3.89
C ASN C 43 -10.11 29.28 3.47
N ARG C 44 -9.84 30.56 3.21
CA ARG C 44 -10.80 31.53 2.75
C ARG C 44 -11.30 31.04 1.40
N LEU C 45 -10.36 30.60 0.59
CA LEU C 45 -10.66 30.11 -0.75
C LEU C 45 -11.47 28.83 -0.72
N ALA C 46 -11.16 27.95 0.21
CA ALA C 46 -11.84 26.69 0.35
C ALA C 46 -13.29 26.89 0.72
N GLY C 47 -13.52 27.79 1.66
CA GLY C 47 -14.85 28.13 2.09
C GLY C 47 -15.69 28.78 1.00
N LYS C 48 -15.08 29.67 0.24
CA LYS C 48 -15.75 30.30 -0.87
C LYS C 48 -16.12 29.29 -1.92
N GLN C 49 -15.20 28.36 -2.16
CA GLN C 49 -15.37 27.27 -3.09
C GLN C 49 -16.48 26.31 -2.65
N MET C 50 -16.65 26.20 -1.35
CA MET C 50 -17.66 25.36 -0.77
C MET C 50 -19.06 25.83 -1.18
N ILE C 51 -19.26 27.13 -1.32
CA ILE C 51 -20.50 27.70 -1.77
C ILE C 51 -20.81 27.22 -3.19
N GLN C 52 -19.80 27.22 -4.05
CA GLN C 52 -19.91 26.75 -5.42
C GLN C 52 -20.22 25.26 -5.49
N VAL C 53 -19.61 24.50 -4.61
CA VAL C 53 -19.83 23.08 -4.55
C VAL C 53 -21.27 22.73 -4.20
N VAL C 54 -21.82 23.44 -3.23
CA VAL C 54 -23.20 23.30 -2.82
C VAL C 54 -24.18 23.71 -3.94
N LYS C 55 -23.88 24.80 -4.62
CA LYS C 55 -24.68 25.27 -5.74
C LYS C 55 -24.69 24.26 -6.89
N TRP C 56 -23.53 23.68 -7.17
CA TRP C 56 -23.36 22.67 -8.18
C TRP C 56 -24.07 21.36 -7.81
N ALA C 57 -23.97 20.95 -6.56
CA ALA C 57 -24.60 19.73 -6.08
C ALA C 57 -26.11 19.74 -6.07
N LYS C 58 -26.67 20.90 -5.78
CA LYS C 58 -28.08 21.12 -5.66
C LYS C 58 -28.81 20.74 -6.95
N VAL C 59 -28.20 21.00 -8.08
CA VAL C 59 -28.82 20.71 -9.35
C VAL C 59 -28.38 19.42 -10.02
N LEU C 60 -27.71 18.56 -9.27
CA LEU C 60 -27.21 17.33 -9.83
C LEU C 60 -28.27 16.29 -10.04
N PRO C 61 -28.34 15.74 -11.25
CA PRO C 61 -29.34 14.71 -11.53
C PRO C 61 -29.14 13.49 -10.67
N GLY C 62 -30.24 13.00 -10.13
CA GLY C 62 -30.23 11.89 -9.22
C GLY C 62 -29.89 12.35 -7.82
N PHE C 63 -28.77 13.04 -7.67
CA PHE C 63 -28.32 13.53 -6.38
C PHE C 63 -29.30 14.51 -5.72
N LYS C 64 -29.87 15.38 -6.53
CA LYS C 64 -30.80 16.38 -6.04
C LYS C 64 -32.07 15.80 -5.42
N ASN C 65 -32.40 14.56 -5.77
CA ASN C 65 -33.59 13.91 -5.25
C ASN C 65 -33.41 13.15 -3.97
N LEU C 66 -32.18 12.96 -3.55
CA LEU C 66 -31.88 12.25 -2.34
C LEU C 66 -32.34 13.07 -1.16
N PRO C 67 -32.49 12.46 0.00
CA PRO C 67 -32.89 13.22 1.17
C PRO C 67 -31.82 14.27 1.42
N LEU C 68 -32.27 15.39 1.93
CA LEU C 68 -31.44 16.53 2.19
C LEU C 68 -30.31 16.21 3.15
N GLU C 69 -30.63 15.47 4.18
CA GLU C 69 -29.62 15.12 5.15
C GLU C 69 -28.51 14.34 4.46
N ASP C 70 -28.86 13.50 3.52
CA ASP C 70 -27.90 12.72 2.76
C ASP C 70 -26.98 13.53 1.84
N GLN C 71 -27.51 14.50 1.13
CA GLN C 71 -26.71 15.30 0.23
C GLN C 71 -25.62 16.06 0.98
N ILE C 72 -26.02 16.63 2.10
CA ILE C 72 -25.15 17.37 2.99
C ILE C 72 -24.08 16.46 3.58
N THR C 73 -24.46 15.24 3.95
CA THR C 73 -23.51 14.29 4.49
C THR C 73 -22.45 13.99 3.45
N LEU C 74 -22.91 13.74 2.24
CA LEU C 74 -22.05 13.43 1.11
C LEU C 74 -21.17 14.63 0.78
N ILE C 75 -21.71 15.83 0.86
CA ILE C 75 -20.92 17.00 0.61
C ILE C 75 -19.81 17.14 1.67
N GLN C 76 -20.16 16.88 2.93
CA GLN C 76 -19.21 16.92 4.02
C GLN C 76 -18.09 15.87 3.95
N TYR C 77 -18.42 14.64 3.58
CA TYR C 77 -17.46 13.55 3.45
C TYR C 77 -16.45 13.81 2.34
N SER C 78 -16.93 14.46 1.28
CA SER C 78 -16.15 14.70 0.11
C SER C 78 -15.59 16.07 -0.25
N TRP C 79 -15.68 17.08 0.62
CA TRP C 79 -15.21 18.40 0.23
C TRP C 79 -13.76 18.53 -0.18
N MET C 80 -12.84 17.96 0.58
CA MET C 80 -11.45 18.05 0.25
C MET C 80 -11.18 17.39 -1.08
N SER C 81 -11.83 16.27 -1.32
CA SER C 81 -11.69 15.52 -2.53
C SER C 81 -12.16 16.27 -3.80
N LEU C 82 -13.32 16.90 -3.68
CA LEU C 82 -13.89 17.72 -4.71
C LEU C 82 -13.04 18.99 -4.97
N SER C 83 -12.54 19.59 -3.90
CA SER C 83 -11.65 20.73 -3.98
C SER C 83 -10.32 20.40 -4.68
N SER C 84 -9.74 19.26 -4.35
CA SER C 84 -8.48 18.80 -4.93
C SER C 84 -8.62 18.51 -6.40
N PHE C 85 -9.69 17.82 -6.75
CA PHE C 85 -10.01 17.45 -8.10
C PHE C 85 -10.30 18.67 -9.01
N ALA C 86 -11.06 19.63 -8.52
CA ALA C 86 -11.33 20.83 -9.31
C ALA C 86 -10.03 21.62 -9.50
N LEU C 87 -9.22 21.69 -8.46
CA LEU C 87 -7.95 22.37 -8.49
C LEU C 87 -6.95 21.74 -9.49
N SER C 88 -6.96 20.42 -9.54
CA SER C 88 -6.16 19.64 -10.43
C SER C 88 -6.51 19.96 -11.89
N TRP C 89 -7.80 20.06 -12.12
CA TRP C 89 -8.38 20.43 -13.39
C TRP C 89 -8.07 21.89 -13.79
N ARG C 90 -8.14 22.80 -12.84
CA ARG C 90 -7.82 24.19 -13.09
C ARG C 90 -6.35 24.32 -13.39
N SER C 91 -5.55 23.57 -12.64
CA SER C 91 -4.11 23.57 -12.83
C SER C 91 -3.79 23.06 -14.22
N TYR C 92 -4.46 22.00 -14.64
CA TYR C 92 -4.24 21.39 -15.93
C TYR C 92 -4.60 22.26 -17.13
N LYS C 93 -5.76 22.90 -17.09
CA LYS C 93 -6.20 23.75 -18.16
C LYS C 93 -5.47 25.08 -18.32
N HIS C 94 -5.31 25.79 -17.23
CA HIS C 94 -4.60 27.04 -17.20
C HIS C 94 -3.08 26.98 -17.36
N THR C 95 -2.44 26.00 -16.76
CA THR C 95 -0.99 25.93 -16.82
C THR C 95 -0.32 24.68 -17.36
N ASN C 96 -1.11 23.75 -17.88
CA ASN C 96 -0.64 22.45 -18.34
C ASN C 96 -0.03 21.68 -17.18
N SER C 97 -0.60 21.91 -16.01
CA SER C 97 -0.22 21.30 -14.74
C SER C 97 1.24 21.49 -14.29
N GLN C 98 1.78 22.66 -14.48
CA GLN C 98 3.11 22.94 -14.05
C GLN C 98 3.10 23.65 -12.70
N PHE C 99 2.02 24.33 -12.42
CA PHE C 99 1.81 25.04 -11.18
C PHE C 99 0.44 24.66 -10.66
N LEU C 100 0.13 25.03 -9.44
CA LEU C 100 -1.15 24.73 -8.85
C LEU C 100 -2.03 25.97 -8.96
N TYR C 101 -3.03 25.91 -9.83
CA TYR C 101 -3.95 27.02 -10.05
C TYR C 101 -5.17 27.01 -9.09
N PHE C 102 -4.94 27.53 -7.89
CA PHE C 102 -5.94 27.63 -6.85
C PHE C 102 -7.03 28.63 -7.16
N ALA C 103 -6.60 29.77 -7.68
CA ALA C 103 -7.41 30.88 -8.03
C ALA C 103 -6.63 31.72 -9.02
N PRO C 104 -7.25 32.68 -9.65
CA PRO C 104 -6.57 33.59 -10.59
C PRO C 104 -5.49 34.38 -9.87
N ASP C 105 -5.75 34.69 -8.61
CA ASP C 105 -4.86 35.42 -7.77
C ASP C 105 -4.02 34.56 -6.84
N LEU C 106 -4.11 33.25 -6.96
CA LEU C 106 -3.37 32.37 -6.07
C LEU C 106 -2.78 31.16 -6.77
N VAL C 107 -1.69 31.34 -7.47
CA VAL C 107 -1.07 30.26 -8.19
C VAL C 107 0.21 29.92 -7.48
N PHE C 108 0.43 28.64 -7.23
CA PHE C 108 1.60 28.21 -6.50
C PHE C 108 2.64 27.49 -7.31
N ASN C 109 3.84 28.00 -7.14
CA ASN C 109 5.06 27.43 -7.68
C ASN C 109 5.75 26.72 -6.49
N GLU C 110 6.96 26.23 -6.72
CA GLU C 110 7.70 25.51 -5.69
C GLU C 110 7.98 26.38 -4.48
N GLU C 111 8.25 27.65 -4.72
CA GLU C 111 8.52 28.57 -3.64
C GLU C 111 7.32 28.71 -2.74
N LYS C 112 6.16 28.88 -3.38
CA LYS C 112 4.87 29.00 -2.69
C LYS C 112 4.55 27.73 -1.92
N MET C 113 4.88 26.61 -2.52
CA MET C 113 4.63 25.35 -1.89
C MET C 113 5.46 25.24 -0.61
N HIS C 114 6.72 25.63 -0.67
CA HIS C 114 7.62 25.65 0.48
C HIS C 114 7.18 26.67 1.50
N GLN C 115 6.77 27.82 1.03
CA GLN C 115 6.31 28.90 1.87
C GLN C 115 5.04 28.56 2.65
N SER C 116 4.17 27.79 2.03
CA SER C 116 2.91 27.39 2.61
C SER C 116 3.01 26.52 3.84
N ALA C 117 4.13 25.85 4.01
CA ALA C 117 4.39 24.90 5.09
C ALA C 117 3.65 23.60 4.77
N MET C 118 3.30 23.47 3.50
CA MET C 118 2.61 22.32 2.99
C MET C 118 3.29 21.75 1.76
N TYR C 119 4.62 21.78 1.72
CA TYR C 119 5.37 21.36 0.54
C TYR C 119 5.15 19.94 0.01
N GLU C 120 5.17 18.96 0.87
CA GLU C 120 4.98 17.60 0.44
C GLU C 120 3.59 17.31 -0.13
N LEU C 121 2.55 17.81 0.54
CA LEU C 121 1.17 17.64 0.14
C LEU C 121 0.84 18.31 -1.20
N CYS C 122 1.42 19.46 -1.43
CA CYS C 122 1.28 20.22 -2.66
C CYS C 122 1.88 19.47 -3.85
N GLN C 123 3.04 18.88 -3.62
CA GLN C 123 3.73 18.08 -4.60
C GLN C 123 2.88 16.87 -4.93
N GLY C 124 2.16 16.40 -3.92
CA GLY C 124 1.24 15.29 -4.05
C GLY C 124 0.09 15.64 -4.97
N MET C 125 -0.39 16.86 -4.84
CA MET C 125 -1.45 17.39 -5.63
C MET C 125 -1.01 17.67 -7.07
N HIS C 126 0.20 18.15 -7.20
CA HIS C 126 0.83 18.43 -8.47
C HIS C 126 1.04 17.16 -9.30
N GLN C 127 1.40 16.06 -8.66
CA GLN C 127 1.63 14.79 -9.31
C GLN C 127 0.33 14.27 -9.92
N ILE C 128 -0.76 14.51 -9.23
CA ILE C 128 -2.10 14.14 -9.67
C ILE C 128 -2.49 14.88 -10.94
N SER C 129 -2.15 16.16 -10.98
CA SER C 129 -2.41 17.04 -12.10
C SER C 129 -1.70 16.57 -13.36
N LEU C 130 -0.49 16.09 -13.16
CA LEU C 130 0.39 15.58 -14.19
C LEU C 130 -0.30 14.39 -14.82
N GLN C 131 -1.10 13.70 -14.03
CA GLN C 131 -1.89 12.58 -14.52
C GLN C 131 -2.91 13.06 -15.54
N PHE C 132 -3.48 14.23 -15.32
CA PHE C 132 -4.46 14.80 -16.23
C PHE C 132 -3.85 15.02 -17.61
N VAL C 133 -2.63 15.53 -17.63
CA VAL C 133 -1.85 15.76 -18.84
C VAL C 133 -1.49 14.45 -19.55
N ARG C 134 -1.01 13.47 -18.80
CA ARG C 134 -0.61 12.18 -19.36
C ARG C 134 -1.78 11.46 -20.01
N LEU C 135 -2.91 11.48 -19.34
CA LEU C 135 -4.09 10.84 -19.84
C LEU C 135 -4.89 11.69 -20.79
N GLN C 136 -4.57 12.99 -20.88
CA GLN C 136 -5.30 13.90 -21.75
C GLN C 136 -6.77 13.85 -21.42
N LEU C 137 -7.06 14.12 -20.16
CA LEU C 137 -8.39 14.10 -19.64
C LEU C 137 -9.32 15.10 -20.29
N THR C 138 -10.46 14.60 -20.72
CA THR C 138 -11.46 15.42 -21.35
C THR C 138 -12.40 16.00 -20.33
N PHE C 139 -13.09 17.05 -20.74
CA PHE C 139 -14.04 17.71 -19.91
C PHE C 139 -15.20 16.78 -19.57
N GLU C 140 -15.60 15.93 -20.52
CA GLU C 140 -16.67 14.98 -20.29
C GLU C 140 -16.31 13.99 -19.19
N GLU C 141 -15.09 13.48 -19.23
CA GLU C 141 -14.61 12.56 -18.22
C GLU C 141 -14.51 13.22 -16.86
N TYR C 142 -13.97 14.42 -16.83
CA TYR C 142 -13.78 15.15 -15.62
C TYR C 142 -15.06 15.48 -14.83
N THR C 143 -16.12 15.87 -15.51
CA THR C 143 -17.37 16.16 -14.83
C THR C 143 -18.00 14.94 -14.16
N ILE C 144 -18.00 13.80 -14.84
CA ILE C 144 -18.52 12.57 -14.27
C ILE C 144 -17.69 12.08 -13.09
N MET C 145 -16.38 12.20 -13.20
CA MET C 145 -15.44 11.79 -12.17
C MET C 145 -15.64 12.57 -10.88
N LYS C 146 -15.95 13.85 -11.02
CA LYS C 146 -16.19 14.77 -9.93
C LYS C 146 -17.43 14.33 -9.17
N VAL C 147 -18.45 13.92 -9.90
CA VAL C 147 -19.68 13.42 -9.33
C VAL C 147 -19.46 12.12 -8.53
N LEU C 148 -18.61 11.24 -9.05
CA LEU C 148 -18.21 9.98 -8.45
C LEU C 148 -17.47 10.18 -7.12
N LEU C 149 -16.70 11.24 -7.07
CA LEU C 149 -15.96 11.66 -5.91
C LEU C 149 -16.90 12.10 -4.83
N LEU C 150 -17.97 12.74 -5.24
CA LEU C 150 -18.98 13.18 -4.34
C LEU C 150 -19.66 11.96 -3.68
N LEU C 151 -19.70 10.88 -4.43
CA LEU C 151 -20.32 9.64 -4.03
C LEU C 151 -19.34 8.56 -3.57
N SER C 152 -18.11 8.95 -3.25
CA SER C 152 -17.13 7.98 -2.81
C SER C 152 -16.96 7.66 -1.30
N THR C 153 -17.53 8.47 -0.42
CA THR C 153 -17.42 8.23 1.01
C THR C 153 -18.76 8.22 1.72
N ILE C 154 -19.04 7.15 2.44
CA ILE C 154 -20.30 7.06 3.12
C ILE C 154 -20.14 6.71 4.57
N PRO C 155 -21.21 6.88 5.35
CA PRO C 155 -21.14 6.54 6.76
C PRO C 155 -21.08 5.04 6.89
N LYS C 156 -20.53 4.57 7.99
CA LYS C 156 -20.40 3.15 8.24
C LYS C 156 -21.76 2.49 8.25
N ASP C 157 -22.76 3.17 8.78
CA ASP C 157 -24.09 2.60 8.79
C ASP C 157 -24.86 2.91 7.54
N GLY C 158 -24.30 3.79 6.72
CA GLY C 158 -24.90 4.19 5.48
C GLY C 158 -25.77 5.40 5.62
N LEU C 159 -26.49 5.69 4.55
CA LEU C 159 -27.38 6.81 4.47
C LEU C 159 -28.83 6.42 4.68
N LYS C 160 -29.66 7.43 4.83
CA LYS C 160 -31.08 7.25 5.00
C LYS C 160 -31.70 6.58 3.79
N SER C 161 -31.15 6.85 2.62
CA SER C 161 -31.66 6.32 1.38
C SER C 161 -30.52 5.67 0.65
N GLN C 162 -30.01 4.65 1.29
CA GLN C 162 -28.90 3.90 0.81
C GLN C 162 -29.19 3.23 -0.51
N ALA C 163 -30.36 2.67 -0.63
CA ALA C 163 -30.78 2.00 -1.83
C ALA C 163 -30.89 2.98 -2.97
N ALA C 164 -31.38 4.17 -2.69
CA ALA C 164 -31.49 5.17 -3.74
C ALA C 164 -30.12 5.61 -4.24
N PHE C 165 -29.21 5.81 -3.29
CA PHE C 165 -27.86 6.28 -3.52
C PHE C 165 -27.06 5.34 -4.40
N GLU C 166 -27.20 4.06 -4.13
CA GLU C 166 -26.51 3.03 -4.83
C GLU C 166 -26.87 2.93 -6.30
N GLU C 167 -28.12 3.11 -6.64
CA GLU C 167 -28.49 3.00 -8.03
C GLU C 167 -27.89 4.12 -8.86
N MET C 168 -27.98 5.29 -8.27
CA MET C 168 -27.50 6.53 -8.80
C MET C 168 -25.98 6.48 -8.94
N ARG C 169 -25.29 5.91 -7.96
CA ARG C 169 -23.86 5.77 -8.07
C ARG C 169 -23.53 4.80 -9.20
N THR C 170 -24.26 3.69 -9.26
CA THR C 170 -24.07 2.68 -10.27
C THR C 170 -24.32 3.31 -11.63
N ASN C 171 -25.31 4.19 -11.69
CA ASN C 171 -25.65 4.91 -12.91
C ASN C 171 -24.54 5.83 -13.40
N TYR C 172 -23.90 6.51 -12.48
CA TYR C 172 -22.78 7.40 -12.78
C TYR C 172 -21.54 6.65 -13.26
N ILE C 173 -21.33 5.45 -12.74
CA ILE C 173 -20.25 4.60 -13.17
C ILE C 173 -20.53 4.29 -14.63
N LYS C 174 -21.82 4.13 -14.89
CA LYS C 174 -22.37 3.84 -16.19
C LYS C 174 -22.13 4.97 -17.15
N GLU C 175 -22.28 6.19 -16.66
CA GLU C 175 -22.05 7.37 -17.46
C GLU C 175 -20.57 7.49 -17.85
N LEU C 176 -19.69 7.24 -16.91
CA LEU C 176 -18.28 7.31 -17.19
C LEU C 176 -17.92 6.31 -18.28
N ARG C 177 -18.52 5.13 -18.21
CA ARG C 177 -18.30 4.10 -19.19
C ARG C 177 -18.80 4.56 -20.54
N LYS C 178 -19.93 5.24 -20.57
CA LYS C 178 -20.42 5.73 -21.83
C LYS C 178 -19.58 6.89 -22.36
N MET C 179 -19.02 7.69 -21.48
CA MET C 179 -18.21 8.83 -21.89
C MET C 179 -16.92 8.32 -22.47
N VAL C 180 -16.61 7.04 -22.25
CA VAL C 180 -15.40 6.46 -22.82
C VAL C 180 -15.77 5.46 -23.90
N SER C 190 -11.42 1.50 -24.40
CA SER C 190 -12.68 1.72 -23.70
C SER C 190 -12.59 1.19 -22.30
N TRP C 191 -12.47 -0.12 -22.12
CA TRP C 191 -12.35 -0.66 -20.78
C TRP C 191 -11.05 -0.18 -20.17
N GLN C 192 -10.02 -0.12 -21.00
CA GLN C 192 -8.70 0.28 -20.57
C GLN C 192 -8.70 1.69 -20.01
N ARG C 193 -9.34 2.61 -20.71
CA ARG C 193 -9.46 3.98 -20.23
C ARG C 193 -10.30 4.07 -18.97
N PHE C 194 -11.36 3.29 -18.88
CA PHE C 194 -12.21 3.28 -17.72
C PHE C 194 -11.45 2.83 -16.50
N TYR C 195 -10.59 1.85 -16.70
CA TYR C 195 -9.73 1.35 -15.66
C TYR C 195 -8.71 2.44 -15.24
N GLN C 196 -8.18 3.16 -16.22
CA GLN C 196 -7.20 4.22 -15.98
C GLN C 196 -7.72 5.38 -15.15
N LEU C 197 -8.91 5.88 -15.48
CA LEU C 197 -9.52 6.97 -14.74
C LEU C 197 -9.97 6.63 -13.31
N THR C 198 -10.61 5.49 -13.15
CA THR C 198 -11.09 4.99 -11.87
C THR C 198 -9.93 4.69 -10.93
N LYS C 199 -8.82 4.29 -11.53
CA LYS C 199 -7.60 4.03 -10.81
C LYS C 199 -7.11 5.37 -10.26
N LEU C 200 -7.23 6.39 -11.09
CA LEU C 200 -6.86 7.72 -10.70
C LEU C 200 -7.77 8.24 -9.56
N LEU C 201 -9.05 7.91 -9.60
CA LEU C 201 -9.93 8.33 -8.54
C LEU C 201 -9.49 7.67 -7.22
N ASP C 202 -9.06 6.42 -7.29
CA ASP C 202 -8.64 5.67 -6.13
C ASP C 202 -7.41 6.30 -5.45
N SER C 203 -6.46 6.73 -6.25
CA SER C 203 -5.25 7.35 -5.80
C SER C 203 -5.51 8.66 -5.09
N MET C 204 -6.59 9.30 -5.48
CA MET C 204 -7.00 10.56 -4.93
C MET C 204 -7.28 10.42 -3.44
N HIS C 205 -7.94 9.34 -3.08
CA HIS C 205 -8.35 9.07 -1.72
C HIS C 205 -7.14 9.04 -0.79
N ASP C 206 -6.05 8.45 -1.24
CA ASP C 206 -4.85 8.39 -0.43
C ASP C 206 -4.30 9.78 -0.14
N LEU C 207 -4.20 10.61 -1.17
CA LEU C 207 -3.73 11.99 -0.99
C LEU C 207 -4.67 12.88 -0.16
N VAL C 208 -5.97 12.73 -0.37
CA VAL C 208 -7.02 13.49 0.30
C VAL C 208 -7.04 13.25 1.80
N SER C 209 -6.82 12.01 2.21
CA SER C 209 -6.78 11.65 3.60
C SER C 209 -5.69 12.41 4.29
N ASP C 210 -4.55 12.53 3.62
CA ASP C 210 -3.42 13.27 4.14
C ASP C 210 -3.67 14.76 4.29
N LEU C 211 -4.31 15.38 3.30
CA LEU C 211 -4.60 16.79 3.34
C LEU C 211 -5.54 17.06 4.49
N LEU C 212 -6.51 16.17 4.67
CA LEU C 212 -7.51 16.26 5.71
C LEU C 212 -6.92 16.17 7.08
N GLU C 213 -5.99 15.23 7.20
CA GLU C 213 -5.29 14.94 8.40
C GLU C 213 -4.52 16.17 8.85
N PHE C 214 -3.80 16.78 7.92
CA PHE C 214 -3.06 17.98 8.18
C PHE C 214 -3.95 19.17 8.51
N CYS C 215 -5.06 19.27 7.80
CA CYS C 215 -6.05 20.30 7.99
C CYS C 215 -6.73 20.20 9.36
N PHE C 216 -7.13 18.98 9.72
CA PHE C 216 -7.78 18.70 10.99
C PHE C 216 -6.84 19.06 12.10
N TYR C 217 -5.60 18.70 11.93
CA TYR C 217 -4.55 18.98 12.88
C TYR C 217 -4.30 20.47 13.05
N THR C 218 -4.25 21.21 11.96
CA THR C 218 -4.03 22.63 12.11
C THR C 218 -5.25 23.36 12.69
N PHE C 219 -6.45 22.84 12.43
CA PHE C 219 -7.66 23.34 13.03
C PHE C 219 -7.73 23.14 14.55
N ARG C 220 -7.37 21.96 15.00
CA ARG C 220 -7.35 21.63 16.41
C ARG C 220 -6.39 22.57 17.12
N GLU C 221 -5.33 22.90 16.41
CA GLU C 221 -4.25 23.76 16.83
C GLU C 221 -4.44 25.19 16.36
N SER C 222 -5.58 25.49 15.77
CA SER C 222 -5.81 26.79 15.14
C SER C 222 -5.71 28.08 15.93
N HIS C 223 -6.22 28.14 17.14
CA HIS C 223 -6.10 29.36 17.89
C HIS C 223 -4.65 29.68 18.20
N ALA C 224 -3.91 28.64 18.58
CA ALA C 224 -2.51 28.72 18.94
C ALA C 224 -1.58 29.14 17.83
N LEU C 225 -1.82 28.63 16.62
CA LEU C 225 -0.97 28.94 15.47
C LEU C 225 -1.39 30.12 14.61
N LYS C 226 -2.52 30.73 14.90
CA LYS C 226 -2.99 31.87 14.13
C LYS C 226 -3.31 31.64 12.67
N VAL C 227 -3.85 30.48 12.34
CA VAL C 227 -4.22 30.22 10.96
C VAL C 227 -5.72 30.31 10.98
N GLU C 228 -6.24 31.19 10.15
CA GLU C 228 -7.67 31.44 10.09
C GLU C 228 -8.49 30.49 9.22
N PHE C 229 -9.61 30.05 9.76
CA PHE C 229 -10.53 29.18 9.08
C PHE C 229 -11.84 29.95 8.94
N PRO C 230 -12.54 29.81 7.83
CA PRO C 230 -13.81 30.50 7.67
C PRO C 230 -14.89 29.74 8.43
N ALA C 231 -16.02 30.40 8.67
CA ALA C 231 -17.10 29.78 9.42
C ALA C 231 -17.65 28.53 8.79
N MET C 232 -17.77 28.50 7.47
CA MET C 232 -18.30 27.31 6.82
C MET C 232 -17.38 26.10 7.01
N LEU C 233 -16.08 26.32 6.89
CA LEU C 233 -15.05 25.28 7.07
C LEU C 233 -15.06 24.75 8.51
N VAL C 234 -15.32 25.62 9.46
CA VAL C 234 -15.40 25.25 10.85
C VAL C 234 -16.54 24.27 11.08
N GLU C 235 -17.69 24.51 10.48
CA GLU C 235 -18.81 23.60 10.66
C GLU C 235 -18.58 22.23 10.03
N ILE C 236 -18.02 22.21 8.83
CA ILE C 236 -17.75 20.95 8.15
C ILE C 236 -16.70 20.15 8.90
N ILE C 237 -15.61 20.82 9.25
CA ILE C 237 -14.52 20.22 9.98
C ILE C 237 -15.01 19.79 11.36
N SER C 238 -15.85 20.59 11.98
CA SER C 238 -16.40 20.23 13.27
C SER C 238 -17.27 18.97 13.22
N ASP C 239 -18.12 18.86 12.23
CA ASP C 239 -18.93 17.67 12.09
C ASP C 239 -18.12 16.45 11.66
N GLN C 240 -17.28 16.65 10.67
CA GLN C 240 -16.42 15.64 10.06
C GLN C 240 -15.32 15.01 10.92
N LEU C 241 -14.68 15.82 11.75
CA LEU C 241 -13.57 15.36 12.56
C LEU C 241 -13.94 14.24 13.51
N PRO C 242 -15.09 14.30 14.17
CA PRO C 242 -15.41 13.21 15.06
C PRO C 242 -15.74 11.93 14.28
N LYS C 243 -16.38 12.08 13.13
CA LYS C 243 -16.74 10.93 12.33
C LYS C 243 -15.52 10.27 11.71
N VAL C 244 -14.52 11.07 11.35
CA VAL C 244 -13.33 10.51 10.71
C VAL C 244 -12.39 9.83 11.68
N ASN C 248 -16.72 5.81 11.36
CA ASN C 248 -17.93 6.19 10.63
C ASN C 248 -17.70 6.82 9.26
N ALA C 249 -16.64 6.43 8.60
CA ALA C 249 -16.40 6.92 7.27
C ALA C 249 -16.07 5.67 6.48
N LYS C 250 -16.80 5.42 5.40
CA LYS C 250 -16.55 4.27 4.57
C LYS C 250 -16.18 4.63 3.13
N PRO C 251 -14.91 4.49 2.74
CA PRO C 251 -14.54 4.81 1.35
C PRO C 251 -14.94 3.75 0.36
N LEU C 252 -15.31 4.17 -0.83
CA LEU C 252 -15.70 3.26 -1.89
C LEU C 252 -14.64 3.32 -2.97
N TYR C 253 -14.15 2.17 -3.40
CA TYR C 253 -13.12 2.10 -4.43
C TYR C 253 -13.53 1.22 -5.57
N PHE C 254 -12.92 1.48 -6.71
CA PHE C 254 -13.15 0.72 -7.92
C PHE C 254 -12.17 -0.43 -8.04
N HIS C 255 -10.97 -0.24 -7.51
CA HIS C 255 -9.94 -1.27 -7.54
C HIS C 255 -9.40 -1.57 -6.15
#